data_4K9C
#
_entry.id   4K9C
#
_cell.length_a   51.165
_cell.length_b   81.355
_cell.length_c   82.690
_cell.angle_alpha   90.00
_cell.angle_beta   98.08
_cell.angle_gamma   90.00
#
_symmetry.space_group_name_H-M   'P 1 21 1'
#
loop_
_entity.id
_entity.type
_entity.pdbx_description
1 polymer 'sugar kinase'
2 non-polymer ADENOSINE
3 non-polymer '4-methyl-3,4-dihydro-2H-1,4-benzoxazine-7-carboxylic acid'
4 non-polymer 'DIMETHYL SULFOXIDE'
5 non-polymer N-(hydroxymethyl)benzamide
6 non-polymer 'POTASSIUM ION'
7 water water
#
_entity_poly.entity_id   1
_entity_poly.type   'polypeptide(L)'
_entity_poly.pdbx_seq_one_letter_code
;(MSE)HHHHHHSSGVDLGTENLYFQS(MSE)TRFDVLTVGNAIVDIISRCNDQFLIDNQITKAA(MSE)NLIDAERAELL
YSR(MSE)GPALEASGGSAGNTAAGVANLGGKAAYFGNVAADQLGDIFTHDIRAQGVHYQTKPKGAFPPTARS(MSE)IF
VTEDGERS(MSE)NTYLGACVELGPEDVEADVVADAKVTYFEGYLWDPPRAKEAILDCARIAHQHGRE(MSE)S(MSE)T
LSDSFCVDRYRGEFLDL(MSE)RSGKVDIVFANRQEALSLYQTDDFEEALNRIAADCKIAAVT(MSE)SENGAVILKGRE
RYYVNAIRIREVVDTTGAGDLFASGFLYGYTQGRSLEDCGKLGCLAAGIVIQQIGPRP(MSE)TSLSEAAKQAGLI
;
_entity_poly.pdbx_strand_id   A,B
#
# COMPACT_ATOMS: atom_id res chain seq x y z
N THR A 24 -20.10 -28.93 4.49
CA THR A 24 -18.84 -28.84 5.25
C THR A 24 -18.64 -27.44 5.82
N ARG A 25 -17.41 -27.13 6.25
CA ARG A 25 -17.14 -25.80 6.83
C ARG A 25 -16.35 -24.88 5.90
N PHE A 26 -15.49 -25.46 5.07
CA PHE A 26 -14.65 -24.70 4.14
C PHE A 26 -14.63 -25.32 2.76
N ASP A 27 -14.58 -24.47 1.75
CA ASP A 27 -14.40 -24.92 0.38
C ASP A 27 -12.94 -25.17 0.11
N VAL A 28 -12.12 -24.18 0.49
CA VAL A 28 -10.69 -24.23 0.20
C VAL A 28 -9.91 -23.82 1.45
N LEU A 29 -9.03 -24.69 1.91
CA LEU A 29 -8.00 -24.32 2.87
C LEU A 29 -6.69 -24.15 2.12
N THR A 30 -6.03 -23.02 2.31
CA THR A 30 -4.70 -22.88 1.73
C THR A 30 -3.64 -22.80 2.81
N VAL A 31 -2.43 -23.22 2.47
CA VAL A 31 -1.30 -23.21 3.41
C VAL A 31 -0.10 -22.60 2.68
N GLY A 32 0.51 -21.59 3.30
CA GLY A 32 1.66 -20.96 2.69
C GLY A 32 2.50 -20.14 3.63
N ASN A 33 3.52 -19.52 3.03
CA ASN A 33 4.33 -18.52 3.69
C ASN A 33 3.57 -17.22 3.84
N ALA A 34 3.31 -16.83 5.08
CA ALA A 34 2.58 -15.60 5.37
C ALA A 34 3.54 -14.42 5.22
N ILE A 35 3.25 -13.54 4.27
CA ILE A 35 4.19 -12.50 3.85
C ILE A 35 3.45 -11.18 3.66
N VAL A 36 4.07 -10.07 4.04
CA VAL A 36 3.59 -8.75 3.66
C VAL A 36 4.48 -8.25 2.51
N ASP A 37 3.86 -7.76 1.45
CA ASP A 37 4.58 -7.25 0.27
C ASP A 37 4.95 -5.78 0.43
N ILE A 38 6.15 -5.44 -0.04
CA ILE A 38 6.66 -4.07 -0.06
C ILE A 38 6.95 -3.85 -1.54
N ILE A 39 6.16 -2.98 -2.17
CA ILE A 39 6.07 -2.90 -3.63
C ILE A 39 6.56 -1.57 -4.16
N SER A 40 7.43 -1.64 -5.18
CA SER A 40 7.91 -0.44 -5.83
C SER A 40 8.11 -0.68 -7.32
N ARG A 41 8.00 0.38 -8.11
CA ARG A 41 8.34 0.33 -9.52
C ARG A 41 9.85 0.57 -9.69
N CYS A 42 10.49 -0.13 -10.64
CA CYS A 42 11.89 0.14 -11.01
C CYS A 42 12.10 0.00 -12.50
N ASN A 43 13.29 0.39 -12.98
CA ASN A 43 13.70 0.13 -14.35
C ASN A 43 14.45 -1.21 -14.46
N ASP A 44 14.60 -1.71 -15.68
CA ASP A 44 15.26 -3.00 -15.90
CA ASP A 44 15.27 -2.98 -15.94
C ASP A 44 16.68 -3.01 -15.36
N GLN A 45 17.36 -1.87 -15.43
CA GLN A 45 18.74 -1.77 -14.98
C GLN A 45 18.89 -1.97 -13.48
N PHE A 46 17.88 -1.58 -12.72
CA PHE A 46 17.91 -1.80 -11.27
C PHE A 46 18.08 -3.29 -10.96
N LEU A 47 17.37 -4.13 -11.71
CA LEU A 47 17.42 -5.56 -11.50
C LEU A 47 18.81 -6.11 -11.77
N ILE A 48 19.38 -5.66 -12.90
CA ILE A 48 20.72 -6.07 -13.32
C ILE A 48 21.77 -5.62 -12.29
N ASP A 49 21.72 -4.36 -11.89
CA ASP A 49 22.69 -3.81 -10.94
C ASP A 49 22.66 -4.52 -9.59
N ASN A 50 21.49 -5.01 -9.21
CA ASN A 50 21.32 -5.67 -7.92
C ASN A 50 21.27 -7.19 -8.00
N GLN A 51 21.53 -7.74 -9.19
CA GLN A 51 21.56 -9.18 -9.43
C GLN A 51 20.31 -9.89 -8.91
N ILE A 52 19.16 -9.28 -9.19
CA ILE A 52 17.84 -9.80 -8.89
C ILE A 52 17.41 -10.52 -10.16
N THR A 53 17.02 -11.79 -10.01
CA THR A 53 16.54 -12.58 -11.15
C THR A 53 15.13 -12.10 -11.49
N LYS A 54 14.97 -11.54 -12.69
CA LYS A 54 13.70 -10.99 -13.13
C LYS A 54 12.62 -12.06 -13.21
N ALA A 55 11.43 -11.70 -12.72
CA ALA A 55 10.22 -12.54 -12.78
C ALA A 55 10.21 -13.71 -11.80
N ALA A 56 11.26 -13.81 -10.98
CA ALA A 56 11.40 -14.93 -10.05
C ALA A 56 11.25 -14.54 -8.59
N ASN A 58 13.19 -14.59 -5.33
CA ASN A 58 14.57 -14.61 -4.88
C ASN A 58 14.61 -14.62 -3.36
N LEU A 59 15.08 -15.72 -2.77
CA LEU A 59 15.21 -15.78 -1.31
C LEU A 59 16.39 -14.93 -0.85
N ILE A 60 16.20 -14.21 0.25
CA ILE A 60 17.25 -13.34 0.77
C ILE A 60 17.35 -13.45 2.29
N ASP A 61 18.55 -13.20 2.81
CA ASP A 61 18.73 -13.17 4.27
C ASP A 61 18.47 -11.76 4.81
N ALA A 62 18.54 -11.60 6.13
CA ALA A 62 18.24 -10.32 6.78
C ALA A 62 19.15 -9.18 6.27
N GLU A 63 20.45 -9.46 6.15
CA GLU A 63 21.43 -8.48 5.67
C GLU A 63 21.08 -8.00 4.28
N ARG A 64 20.76 -8.93 3.38
CA ARG A 64 20.40 -8.58 2.02
C ARG A 64 19.08 -7.84 1.95
N ALA A 65 18.16 -8.17 2.85
CA ALA A 65 16.89 -7.45 2.94
C ALA A 65 17.13 -5.98 3.30
N GLU A 66 18.03 -5.74 4.26
CA GLU A 66 18.37 -4.37 4.62
C GLU A 66 19.02 -3.63 3.46
N LEU A 67 19.99 -4.28 2.81
CA LEU A 67 20.66 -3.69 1.65
C LEU A 67 19.67 -3.32 0.54
N LEU A 68 18.85 -4.29 0.13
CA LEU A 68 17.91 -4.04 -0.95
C LEU A 68 16.91 -2.92 -0.61
N TYR A 69 16.42 -2.92 0.62
CA TYR A 69 15.46 -1.92 1.04
C TYR A 69 16.10 -0.53 0.98
N SER A 70 17.38 -0.48 1.34
CA SER A 70 18.10 0.79 1.36
C SER A 70 18.21 1.40 -0.05
N ARG A 71 18.08 0.55 -1.08
CA ARG A 71 18.19 0.98 -2.47
C ARG A 71 16.83 1.14 -3.14
N GLY A 73 13.04 2.47 -3.85
CA GLY A 73 12.30 3.73 -3.78
C GLY A 73 11.17 3.72 -2.77
N PRO A 74 10.44 4.84 -2.66
CA PRO A 74 9.23 4.86 -1.84
C PRO A 74 8.34 3.70 -2.23
N ALA A 75 7.73 3.06 -1.25
CA ALA A 75 6.98 1.84 -1.52
C ALA A 75 5.59 1.88 -0.93
N LEU A 76 4.81 0.90 -1.34
CA LEU A 76 3.51 0.62 -0.78
C LEU A 76 3.49 -0.81 -0.15
N GLU A 77 2.75 -0.96 0.94
CA GLU A 77 2.65 -2.29 1.56
C GLU A 77 1.27 -2.90 1.37
N ALA A 78 1.24 -4.20 1.15
CA ALA A 78 0.00 -4.94 1.00
C ALA A 78 0.24 -6.37 1.42
N SER A 79 -0.72 -6.95 2.14
CA SER A 79 -0.64 -8.35 2.48
C SER A 79 -0.48 -9.19 1.22
N GLY A 80 0.43 -10.16 1.29
CA GLY A 80 0.71 -11.07 0.18
C GLY A 80 0.76 -12.51 0.65
N GLY A 81 1.76 -13.26 0.19
CA GLY A 81 1.80 -14.71 0.36
C GLY A 81 0.95 -15.36 -0.73
N SER A 82 1.57 -16.21 -1.54
CA SER A 82 0.87 -16.83 -2.67
CA SER A 82 0.87 -16.84 -2.67
C SER A 82 -0.45 -17.47 -2.22
N ALA A 83 -0.36 -18.41 -1.27
CA ALA A 83 -1.54 -19.10 -0.75
C ALA A 83 -2.52 -18.16 -0.05
N GLY A 84 -1.98 -17.14 0.61
CA GLY A 84 -2.79 -16.13 1.28
C GLY A 84 -3.65 -15.39 0.27
N ASN A 85 -3.02 -14.98 -0.83
CA ASN A 85 -3.73 -14.35 -1.93
C ASN A 85 -4.80 -15.27 -2.48
N THR A 86 -4.46 -16.54 -2.62
CA THR A 86 -5.44 -17.50 -3.15
C THR A 86 -6.66 -17.66 -2.26
N ALA A 87 -6.45 -17.78 -0.95
CA ALA A 87 -7.57 -17.86 0.01
C ALA A 87 -8.42 -16.59 -0.04
N ALA A 88 -7.75 -15.44 -0.03
CA ALA A 88 -8.46 -14.16 -0.12
C ALA A 88 -9.34 -14.08 -1.38
N GLY A 89 -8.80 -14.62 -2.47
CA GLY A 89 -9.50 -14.67 -3.75
C GLY A 89 -10.72 -15.55 -3.75
N VAL A 90 -10.61 -16.72 -3.12
CA VAL A 90 -11.76 -17.62 -2.99
C VAL A 90 -12.87 -16.95 -2.18
N ALA A 91 -12.52 -16.29 -1.07
CA ALA A 91 -13.52 -15.59 -0.26
C ALA A 91 -14.17 -14.45 -1.05
N ASN A 92 -13.35 -13.71 -1.80
CA ASN A 92 -13.82 -12.60 -2.63
C ASN A 92 -14.88 -13.07 -3.62
N LEU A 93 -14.63 -14.23 -4.23
CA LEU A 93 -15.58 -14.83 -5.18
C LEU A 93 -16.86 -15.33 -4.51
N GLY A 94 -16.80 -15.56 -3.20
CA GLY A 94 -17.99 -15.94 -2.44
C GLY A 94 -17.93 -17.32 -1.85
N GLY A 95 -16.77 -17.98 -2.01
CA GLY A 95 -16.52 -19.27 -1.39
C GLY A 95 -16.05 -19.11 0.06
N LYS A 96 -15.94 -20.22 0.77
CA LYS A 96 -15.53 -20.22 2.17
C LYS A 96 -14.10 -20.69 2.25
N ALA A 97 -13.22 -19.83 2.75
CA ALA A 97 -11.79 -20.14 2.78
C ALA A 97 -11.20 -20.13 4.19
N ALA A 98 -10.12 -20.90 4.36
CA ALA A 98 -9.28 -20.86 5.55
C ALA A 98 -7.81 -20.82 5.14
N TYR A 99 -6.96 -20.43 6.09
CA TYR A 99 -5.52 -20.28 5.81
C TYR A 99 -4.68 -20.69 7.00
N PHE A 100 -3.62 -21.47 6.74
CA PHE A 100 -2.56 -21.68 7.71
C PHE A 100 -1.31 -20.95 7.23
N GLY A 101 -0.69 -20.17 8.12
CA GLY A 101 0.56 -19.47 7.80
C GLY A 101 1.02 -18.73 9.04
N ASN A 102 2.33 -18.64 9.22
CA ASN A 102 2.84 -18.12 10.49
C ASN A 102 3.47 -16.74 10.38
N VAL A 103 2.91 -15.79 11.14
CA VAL A 103 3.49 -14.45 11.27
C VAL A 103 4.12 -14.30 12.66
N ALA A 104 4.80 -13.18 12.86
CA ALA A 104 5.32 -12.80 14.18
C ALA A 104 4.34 -11.87 14.88
N ALA A 105 4.54 -11.70 16.19
CA ALA A 105 3.76 -10.76 16.99
C ALA A 105 4.34 -9.37 16.82
N ASP A 106 4.15 -8.80 15.63
CA ASP A 106 4.66 -7.46 15.33
C ASP A 106 3.65 -6.76 14.44
N GLN A 107 3.95 -5.55 14.02
CA GLN A 107 3.01 -4.75 13.25
C GLN A 107 2.69 -5.35 11.89
N LEU A 108 3.70 -5.87 11.20
CA LEU A 108 3.51 -6.53 9.91
C LEU A 108 2.61 -7.75 10.08
N GLY A 109 2.84 -8.51 11.15
CA GLY A 109 2.01 -9.67 11.45
C GLY A 109 0.57 -9.27 11.72
N ASP A 110 0.38 -8.15 12.42
CA ASP A 110 -0.94 -7.63 12.71
C ASP A 110 -1.66 -7.20 11.43
N ILE A 111 -0.92 -6.60 10.51
CA ILE A 111 -1.45 -6.19 9.20
C ILE A 111 -1.90 -7.43 8.44
N PHE A 112 -1.01 -8.41 8.36
CA PHE A 112 -1.34 -9.65 7.67
C PHE A 112 -2.57 -10.29 8.29
N THR A 113 -2.61 -10.41 9.60
CA THR A 113 -3.75 -11.04 10.27
C THR A 113 -5.04 -10.29 9.95
N HIS A 114 -5.00 -8.97 10.01
CA HIS A 114 -6.19 -8.18 9.75
C HIS A 114 -6.70 -8.37 8.34
N ASP A 115 -5.82 -8.28 7.36
CA ASP A 115 -6.24 -8.25 5.95
C ASP A 115 -6.94 -9.52 5.55
N ILE A 116 -6.38 -10.65 5.95
CA ILE A 116 -6.93 -11.93 5.56
C ILE A 116 -8.23 -12.22 6.29
N ARG A 117 -8.29 -11.94 7.59
CA ARG A 117 -9.53 -12.10 8.36
C ARG A 117 -10.64 -11.15 7.89
N ALA A 118 -10.26 -9.93 7.48
CA ALA A 118 -11.25 -8.94 7.02
C ALA A 118 -11.90 -9.36 5.71
N GLN A 119 -11.21 -10.20 4.95
CA GLN A 119 -11.77 -10.77 3.72
C GLN A 119 -12.74 -11.92 4.02
N GLY A 120 -12.82 -12.35 5.28
CA GLY A 120 -13.71 -13.43 5.68
C GLY A 120 -13.08 -14.80 5.61
N VAL A 121 -11.75 -14.83 5.49
CA VAL A 121 -10.95 -16.06 5.58
C VAL A 121 -10.69 -16.44 7.05
N HIS A 122 -10.94 -17.70 7.40
CA HIS A 122 -10.60 -18.23 8.71
C HIS A 122 -9.08 -18.27 8.86
N TYR A 123 -8.56 -17.55 9.84
CA TYR A 123 -7.12 -17.52 10.06
C TYR A 123 -6.83 -17.48 11.54
N GLN A 124 -6.27 -18.58 12.04
CA GLN A 124 -6.10 -18.75 13.48
CA GLN A 124 -6.10 -18.74 13.48
C GLN A 124 -4.69 -19.18 13.90
N THR A 125 -3.75 -19.20 12.95
CA THR A 125 -2.36 -19.54 13.27
C THR A 125 -1.77 -18.49 14.21
N LYS A 126 -1.36 -18.95 15.38
CA LYS A 126 -0.89 -18.09 16.46
C LYS A 126 0.59 -17.79 16.31
N PRO A 127 0.98 -16.50 16.38
CA PRO A 127 2.40 -16.15 16.42
C PRO A 127 3.07 -16.76 17.66
N LYS A 128 4.34 -17.09 17.52
CA LYS A 128 5.11 -17.77 18.57
C LYS A 128 5.99 -16.78 19.35
N GLY A 129 6.00 -15.54 18.90
CA GLY A 129 6.78 -14.46 19.50
C GLY A 129 7.02 -13.38 18.47
N ALA A 130 7.89 -12.43 18.80
CA ALA A 130 8.16 -11.31 17.90
C ALA A 130 9.35 -11.57 16.98
N PHE A 131 10.10 -12.63 17.24
CA PHE A 131 11.36 -12.90 16.54
C PHE A 131 11.56 -14.37 16.19
N PRO A 132 11.89 -14.68 14.93
CA PRO A 132 12.14 -13.75 13.80
C PRO A 132 10.87 -12.96 13.43
N PRO A 133 11.03 -11.76 12.85
CA PRO A 133 9.88 -10.92 12.51
C PRO A 133 9.09 -11.48 11.31
N THR A 134 7.93 -10.90 11.07
CA THR A 134 7.03 -11.36 10.00
C THR A 134 7.73 -11.27 8.66
N ALA A 135 7.55 -12.30 7.83
CA ALA A 135 8.12 -12.31 6.49
C ALA A 135 7.70 -11.07 5.70
N ARG A 136 8.60 -10.65 4.83
CA ARG A 136 8.28 -9.61 3.86
C ARG A 136 8.96 -9.91 2.54
N SER A 137 8.36 -9.41 1.46
CA SER A 137 8.91 -9.56 0.14
C SER A 137 8.98 -8.23 -0.54
N ILE A 139 9.06 -6.39 -3.71
CA ILE A 139 8.64 -6.71 -5.06
C ILE A 139 8.84 -5.49 -5.94
N PHE A 140 9.67 -5.69 -6.96
CA PHE A 140 10.03 -4.67 -7.93
C PHE A 140 9.28 -4.92 -9.22
N VAL A 141 8.45 -3.95 -9.61
CA VAL A 141 7.63 -4.08 -10.80
C VAL A 141 8.25 -3.24 -11.92
N THR A 142 8.61 -3.90 -13.02
CA THR A 142 9.24 -3.21 -14.14
C THR A 142 8.16 -2.63 -15.06
N GLU A 143 8.57 -1.90 -16.10
CA GLU A 143 7.62 -1.17 -16.95
C GLU A 143 6.66 -2.10 -17.70
N ASP A 144 7.14 -3.29 -18.02
CA ASP A 144 6.36 -4.32 -18.70
C ASP A 144 5.33 -5.00 -17.77
N GLY A 145 5.31 -4.60 -16.51
CA GLY A 145 4.37 -5.14 -15.52
C GLY A 145 4.87 -6.41 -14.84
N GLU A 146 6.05 -6.87 -15.23
CA GLU A 146 6.64 -8.04 -14.59
C GLU A 146 7.05 -7.73 -13.16
N ARG A 147 6.92 -8.74 -12.31
CA ARG A 147 7.31 -8.62 -10.89
CA ARG A 147 7.29 -8.64 -10.90
C ARG A 147 8.48 -9.57 -10.46
N SER A 148 9.42 -8.98 -9.73
CA SER A 148 10.59 -9.70 -9.27
C SER A 148 10.65 -9.56 -7.75
N ASN A 150 11.72 -10.49 -3.70
CA ASN A 150 12.93 -10.67 -2.90
C ASN A 150 12.49 -10.88 -1.46
N THR A 151 12.51 -12.14 -1.04
CA THR A 151 11.73 -12.57 0.12
C THR A 151 12.61 -12.98 1.29
N TYR A 152 12.42 -12.30 2.41
CA TYR A 152 13.00 -12.72 3.69
C TYR A 152 11.91 -13.48 4.46
N LEU A 153 12.14 -14.77 4.68
CA LEU A 153 11.12 -15.64 5.26
C LEU A 153 10.76 -15.37 6.73
N GLY A 154 11.70 -14.84 7.50
CA GLY A 154 11.44 -14.51 8.90
C GLY A 154 10.66 -15.59 9.63
N ALA A 155 9.51 -15.19 10.19
CA ALA A 155 8.68 -16.08 11.02
C ALA A 155 8.15 -17.30 10.26
N CYS A 156 8.17 -17.26 8.93
CA CYS A 156 7.72 -18.39 8.11
C CYS A 156 8.50 -19.68 8.40
N VAL A 157 9.75 -19.55 8.86
CA VAL A 157 10.56 -20.75 9.14
C VAL A 157 10.04 -21.54 10.36
N GLU A 158 9.11 -20.95 11.10
CA GLU A 158 8.55 -21.56 12.31
C GLU A 158 7.29 -22.39 12.06
N LEU A 159 6.72 -22.32 10.85
CA LEU A 159 5.52 -23.08 10.53
C LEU A 159 5.83 -24.58 10.58
N GLY A 160 5.03 -25.31 11.35
CA GLY A 160 5.27 -26.74 11.54
C GLY A 160 3.98 -27.51 11.79
N PRO A 161 4.10 -28.82 12.05
CA PRO A 161 2.92 -29.67 12.29
C PRO A 161 2.00 -29.13 13.38
N GLU A 162 2.56 -28.44 14.36
CA GLU A 162 1.79 -27.87 15.47
C GLU A 162 0.77 -26.83 15.02
N ASP A 163 0.93 -26.32 13.79
CA ASP A 163 0.05 -25.28 13.26
C ASP A 163 -1.09 -25.86 12.42
N VAL A 164 -1.12 -27.18 12.29
CA VAL A 164 -2.18 -27.83 11.56
C VAL A 164 -3.42 -27.92 12.43
N GLU A 165 -4.48 -27.25 12.00
CA GLU A 165 -5.77 -27.35 12.66
C GLU A 165 -6.50 -28.51 11.98
N ALA A 166 -6.37 -29.70 12.58
CA ALA A 166 -6.88 -30.92 11.99
C ALA A 166 -8.36 -30.86 11.61
N ASP A 167 -9.16 -30.22 12.46
CA ASP A 167 -10.60 -30.03 12.22
CA ASP A 167 -10.60 -30.07 12.20
C ASP A 167 -10.87 -29.23 10.94
N VAL A 168 -10.01 -28.25 10.68
CA VAL A 168 -10.15 -27.44 9.48
C VAL A 168 -9.82 -28.24 8.22
N VAL A 169 -8.72 -28.99 8.24
CA VAL A 169 -8.36 -29.85 7.11
C VAL A 169 -9.47 -30.85 6.83
N ALA A 170 -9.88 -31.56 7.88
CA ALA A 170 -10.98 -32.54 7.78
C ALA A 170 -12.28 -31.98 7.19
N ASP A 171 -12.56 -30.70 7.44
CA ASP A 171 -13.82 -30.08 7.01
C ASP A 171 -13.66 -29.15 5.79
N ALA A 172 -12.53 -29.24 5.09
CA ALA A 172 -12.32 -28.44 3.88
C ALA A 172 -12.34 -29.31 2.62
N LYS A 173 -13.13 -28.90 1.62
CA LYS A 173 -13.23 -29.68 0.38
C LYS A 173 -11.88 -29.86 -0.31
N VAL A 174 -11.08 -28.79 -0.34
CA VAL A 174 -9.74 -28.83 -0.94
C VAL A 174 -8.75 -28.17 0.02
N THR A 175 -7.58 -28.79 0.18
CA THR A 175 -6.46 -28.16 0.86
C THR A 175 -5.38 -27.92 -0.19
N TYR A 176 -4.98 -26.66 -0.32
CA TYR A 176 -4.06 -26.22 -1.37
C TYR A 176 -2.82 -25.62 -0.73
N PHE A 177 -1.66 -25.96 -1.26
CA PHE A 177 -0.42 -25.42 -0.68
C PHE A 177 0.61 -24.98 -1.70
N GLU A 178 1.57 -24.18 -1.25
CA GLU A 178 2.63 -23.68 -2.12
C GLU A 178 3.83 -24.61 -2.14
N GLY A 179 4.37 -24.82 -3.35
CA GLY A 179 5.70 -25.42 -3.50
C GLY A 179 6.73 -24.64 -2.69
N TYR A 180 6.48 -23.34 -2.58
CA TYR A 180 7.33 -22.44 -1.78
C TYR A 180 7.55 -22.93 -0.35
N LEU A 181 6.64 -23.75 0.18
CA LEU A 181 6.77 -24.27 1.55
C LEU A 181 7.94 -25.23 1.75
N TRP A 182 8.55 -25.68 0.67
CA TRP A 182 9.69 -26.59 0.77
C TRP A 182 10.99 -25.87 1.18
N ASP A 183 10.98 -24.55 1.09
CA ASP A 183 12.15 -23.75 1.52
C ASP A 183 12.35 -23.68 3.04
N PRO A 184 11.29 -23.25 3.79
CA PRO A 184 11.40 -23.34 5.26
C PRO A 184 11.58 -24.80 5.73
N PRO A 185 12.11 -25.00 6.95
CA PRO A 185 12.56 -26.36 7.29
C PRO A 185 11.49 -27.40 7.64
N ARG A 186 10.40 -26.98 8.27
CA ARG A 186 9.45 -27.93 8.84
CA ARG A 186 9.45 -27.93 8.84
C ARG A 186 8.05 -27.84 8.24
N ALA A 187 7.85 -26.88 7.34
CA ALA A 187 6.53 -26.68 6.74
C ALA A 187 6.05 -27.93 6.01
N LYS A 188 6.97 -28.63 5.36
CA LYS A 188 6.64 -29.88 4.66
C LYS A 188 6.04 -30.96 5.56
N GLU A 189 6.50 -31.05 6.80
CA GLU A 189 5.92 -31.96 7.79
C GLU A 189 4.45 -31.62 8.05
N ALA A 190 4.14 -30.32 8.12
CA ALA A 190 2.75 -29.90 8.26
C ALA A 190 1.92 -30.31 7.05
N ILE A 191 2.47 -30.15 5.86
CA ILE A 191 1.78 -30.53 4.63
C ILE A 191 1.49 -32.03 4.51
N LEU A 192 2.48 -32.85 4.88
CA LEU A 192 2.27 -34.31 4.90
C LEU A 192 1.14 -34.69 5.86
N ASP A 193 1.09 -34.04 7.02
CA ASP A 193 -0.01 -34.22 7.97
C ASP A 193 -1.35 -33.83 7.36
N CYS A 194 -1.35 -32.71 6.61
CA CYS A 194 -2.55 -32.24 5.93
C CYS A 194 -3.03 -33.25 4.90
N ALA A 195 -2.11 -33.78 4.11
CA ALA A 195 -2.43 -34.76 3.07
C ALA A 195 -3.10 -36.00 3.66
N ARG A 196 -2.58 -36.46 4.79
CA ARG A 196 -3.16 -37.62 5.48
C ARG A 196 -4.58 -37.35 5.94
N ILE A 197 -4.75 -36.28 6.70
CA ILE A 197 -6.04 -35.87 7.25
C ILE A 197 -7.06 -35.62 6.15
N ALA A 198 -6.69 -34.82 5.14
CA ALA A 198 -7.56 -34.55 4.01
C ALA A 198 -8.02 -35.85 3.34
N HIS A 199 -7.08 -36.72 3.01
CA HIS A 199 -7.41 -37.95 2.27
C HIS A 199 -8.18 -39.00 3.08
N GLN A 200 -7.94 -39.05 4.39
CA GLN A 200 -8.76 -39.91 5.27
C GLN A 200 -10.21 -39.43 5.36
N HIS A 201 -10.41 -38.12 5.23
CA HIS A 201 -11.75 -37.53 5.24
C HIS A 201 -12.34 -37.34 3.83
N GLY A 202 -11.75 -38.01 2.85
CA GLY A 202 -12.23 -37.99 1.47
C GLY A 202 -12.12 -36.66 0.76
N ARG A 203 -11.23 -35.79 1.22
CA ARG A 203 -11.04 -34.49 0.59
C ARG A 203 -9.95 -34.57 -0.45
N GLU A 204 -9.74 -33.47 -1.18
CA GLU A 204 -8.67 -33.44 -2.18
C GLU A 204 -7.56 -32.46 -1.80
N SER A 206 -4.29 -30.09 -3.21
CA SER A 206 -3.82 -29.36 -4.38
C SER A 206 -2.51 -28.65 -4.08
N THR A 208 0.52 -25.73 -5.91
CA THR A 208 1.09 -24.95 -6.98
C THR A 208 2.61 -25.15 -6.98
N LEU A 209 3.18 -25.20 -8.18
CA LEU A 209 4.62 -25.39 -8.34
C LEU A 209 5.40 -24.13 -7.99
N SER A 210 4.65 -23.03 -7.84
CA SER A 210 5.11 -21.74 -7.28
C SER A 210 6.03 -20.89 -8.14
N ASP A 211 7.16 -21.48 -8.55
CA ASP A 211 8.21 -20.73 -9.21
C ASP A 211 9.19 -21.72 -9.83
N SER A 212 9.70 -21.39 -11.02
CA SER A 212 10.56 -22.31 -11.77
C SER A 212 11.84 -22.70 -11.05
N PHE A 213 12.44 -21.75 -10.34
CA PHE A 213 13.60 -22.04 -9.50
C PHE A 213 13.24 -22.87 -8.27
N CYS A 214 12.08 -22.62 -7.68
CA CYS A 214 11.56 -23.47 -6.58
C CYS A 214 11.41 -24.90 -7.08
N VAL A 215 10.83 -25.06 -8.26
CA VAL A 215 10.73 -26.38 -8.89
C VAL A 215 12.10 -27.03 -9.03
N ASP A 216 13.10 -26.24 -9.43
CA ASP A 216 14.45 -26.76 -9.61
C ASP A 216 15.03 -27.25 -8.29
N ARG A 217 14.74 -26.54 -7.21
CA ARG A 217 15.27 -26.91 -5.89
C ARG A 217 14.66 -28.21 -5.37
N TYR A 218 13.40 -28.47 -5.74
CA TYR A 218 12.62 -29.56 -5.14
C TYR A 218 11.95 -30.48 -6.14
N ARG A 219 12.53 -30.53 -7.35
CA ARG A 219 11.98 -31.30 -8.47
C ARG A 219 11.54 -32.72 -8.09
N GLY A 220 12.46 -33.49 -7.51
CA GLY A 220 12.19 -34.87 -7.15
C GLY A 220 11.10 -34.99 -6.11
N GLU A 221 11.12 -34.08 -5.13
CA GLU A 221 10.12 -34.11 -4.08
C GLU A 221 8.73 -33.74 -4.58
N PHE A 222 8.66 -32.81 -5.52
CA PHE A 222 7.37 -32.41 -6.08
C PHE A 222 6.78 -33.55 -6.90
N LEU A 223 7.62 -34.18 -7.71
CA LEU A 223 7.19 -35.30 -8.52
C LEU A 223 6.67 -36.43 -7.65
N ASP A 224 7.35 -36.67 -6.52
CA ASP A 224 6.89 -37.70 -5.60
C ASP A 224 5.56 -37.39 -4.93
N LEU A 225 5.33 -36.13 -4.55
CA LEU A 225 4.02 -35.72 -4.02
C LEU A 225 2.90 -36.08 -5.00
N ARG A 227 3.09 -38.33 -7.80
CA ARG A 227 3.05 -39.76 -8.11
C ARG A 227 2.62 -40.63 -6.94
N SER A 228 2.87 -40.18 -5.71
CA SER A 228 2.42 -40.93 -4.54
C SER A 228 0.94 -40.67 -4.23
N GLY A 229 0.37 -39.66 -4.88
CA GLY A 229 -1.04 -39.33 -4.73
C GLY A 229 -1.33 -38.39 -3.57
N LYS A 230 -0.28 -37.84 -2.95
CA LYS A 230 -0.46 -36.87 -1.87
C LYS A 230 -1.02 -35.55 -2.40
N VAL A 231 -0.80 -35.30 -3.69
CA VAL A 231 -1.36 -34.15 -4.40
C VAL A 231 -2.27 -34.63 -5.53
N ASP A 232 -3.50 -34.10 -5.59
CA ASP A 232 -4.49 -34.48 -6.61
C ASP A 232 -4.58 -33.47 -7.74
N ILE A 233 -4.49 -32.19 -7.40
CA ILE A 233 -4.64 -31.14 -8.40
C ILE A 233 -3.39 -30.26 -8.38
N VAL A 234 -2.72 -30.14 -9.53
CA VAL A 234 -1.49 -29.34 -9.63
CA VAL A 234 -1.50 -29.35 -9.61
C VAL A 234 -1.67 -28.11 -10.51
N PHE A 235 -1.21 -26.98 -10.00
CA PHE A 235 -1.19 -25.74 -10.74
C PHE A 235 0.23 -25.43 -11.16
N ALA A 236 0.37 -25.00 -12.41
CA ALA A 236 1.66 -24.61 -12.96
C ALA A 236 1.47 -23.52 -14.00
N ASN A 237 2.53 -22.73 -14.21
CA ASN A 237 2.65 -21.95 -15.41
C ASN A 237 3.59 -22.68 -16.38
N ARG A 238 3.70 -22.16 -17.61
CA ARG A 238 4.58 -22.74 -18.63
C ARG A 238 5.99 -22.99 -18.10
N GLN A 239 6.58 -21.98 -17.48
CA GLN A 239 7.96 -22.03 -17.01
C GLN A 239 8.16 -23.13 -15.98
N GLU A 240 7.19 -23.28 -15.08
CA GLU A 240 7.28 -24.28 -14.02
C GLU A 240 7.13 -25.70 -14.59
N ALA A 241 6.24 -25.85 -15.56
CA ALA A 241 6.00 -27.14 -16.20
C ALA A 241 7.23 -27.58 -16.97
N LEU A 242 7.88 -26.62 -17.65
CA LEU A 242 9.15 -26.88 -18.33
C LEU A 242 10.27 -27.24 -17.35
N SER A 243 10.33 -26.53 -16.21
N SER A 243 10.33 -26.53 -16.21
CA SER A 243 11.34 -26.79 -15.21
CA SER A 243 11.33 -26.80 -15.19
C SER A 243 11.15 -28.15 -14.55
C SER A 243 11.14 -28.16 -14.56
N LEU A 244 9.89 -28.53 -14.33
CA LEU A 244 9.57 -29.82 -13.71
C LEU A 244 10.15 -31.02 -14.49
N TYR A 245 10.04 -30.97 -15.81
CA TYR A 245 10.55 -32.08 -16.62
C TYR A 245 11.84 -31.74 -17.36
N GLN A 246 12.45 -30.61 -17.01
CA GLN A 246 13.76 -30.19 -17.52
C GLN A 246 13.81 -30.25 -19.05
N THR A 247 12.76 -29.73 -19.65
CA THR A 247 12.57 -29.79 -21.10
C THR A 247 12.32 -28.41 -21.67
N ASP A 248 12.62 -28.27 -22.97
CA ASP A 248 12.25 -27.09 -23.73
C ASP A 248 10.96 -27.35 -24.53
N ASP A 249 10.47 -28.58 -24.47
CA ASP A 249 9.31 -29.03 -25.22
C ASP A 249 8.04 -28.97 -24.36
N PHE A 250 7.23 -27.92 -24.57
CA PHE A 250 6.00 -27.72 -23.79
C PHE A 250 4.97 -28.84 -23.95
N GLU A 251 4.87 -29.39 -25.16
CA GLU A 251 3.96 -30.51 -25.39
C GLU A 251 4.35 -31.74 -24.56
N GLU A 252 5.65 -32.00 -24.48
CA GLU A 252 6.16 -33.06 -23.61
C GLU A 252 5.76 -32.80 -22.16
N ALA A 253 5.98 -31.57 -21.71
CA ALA A 253 5.66 -31.19 -20.33
C ALA A 253 4.17 -31.40 -20.01
N LEU A 254 3.30 -31.04 -20.93
CA LEU A 254 1.85 -31.26 -20.76
C LEU A 254 1.49 -32.75 -20.65
N ASN A 255 2.03 -33.55 -21.57
CA ASN A 255 1.82 -35.00 -21.57
C ASN A 255 2.30 -35.66 -20.28
N ARG A 256 3.48 -35.23 -19.80
CA ARG A 256 4.07 -35.77 -18.59
C ARG A 256 3.29 -35.36 -17.34
N ILE A 257 2.88 -34.09 -17.27
CA ILE A 257 2.16 -33.60 -16.10
C ILE A 257 0.79 -34.27 -15.96
N ALA A 258 0.13 -34.52 -17.09
CA ALA A 258 -1.16 -35.24 -17.11
C ALA A 258 -1.02 -36.69 -16.62
N ALA A 259 0.17 -37.26 -16.82
CA ALA A 259 0.48 -38.62 -16.37
C ALA A 259 0.83 -38.70 -14.88
N ASP A 260 1.27 -37.57 -14.31
CA ASP A 260 1.74 -37.55 -12.92
C ASP A 260 0.72 -37.09 -11.89
N CYS A 261 -0.36 -36.44 -12.32
CA CYS A 261 -1.40 -36.00 -11.40
CA CYS A 261 -1.39 -35.91 -11.42
C CYS A 261 -2.79 -36.17 -12.00
N LYS A 262 -3.79 -36.23 -11.12
CA LYS A 262 -5.18 -36.44 -11.54
C LYS A 262 -5.70 -35.27 -12.37
N ILE A 263 -5.46 -34.05 -11.90
CA ILE A 263 -5.86 -32.85 -12.62
C ILE A 263 -4.69 -31.88 -12.61
N ALA A 264 -4.35 -31.34 -13.77
CA ALA A 264 -3.35 -30.28 -13.87
C ALA A 264 -3.95 -29.07 -14.53
N ALA A 265 -3.69 -27.90 -13.97
CA ALA A 265 -4.14 -26.64 -14.55
C ALA A 265 -2.91 -25.83 -14.89
N VAL A 266 -2.64 -25.68 -16.18
CA VAL A 266 -1.41 -25.04 -16.65
C VAL A 266 -1.70 -23.71 -17.35
N THR A 267 -1.17 -22.62 -16.79
CA THR A 267 -1.38 -21.28 -17.33
C THR A 267 -0.28 -20.88 -18.31
N SER A 269 0.09 -17.38 -19.46
CA SER A 269 0.01 -15.91 -19.48
C SER A 269 -1.07 -15.40 -20.45
N GLU A 270 -0.65 -14.61 -21.44
CA GLU A 270 -1.56 -14.03 -22.42
C GLU A 270 -2.17 -15.08 -23.35
N ASN A 271 -1.60 -16.28 -23.33
CA ASN A 271 -2.09 -17.40 -24.13
C ASN A 271 -3.17 -18.23 -23.43
N GLY A 272 -3.57 -17.80 -22.24
CA GLY A 272 -4.67 -18.42 -21.50
C GLY A 272 -4.21 -19.57 -20.62
N ALA A 273 -4.95 -20.67 -20.65
CA ALA A 273 -4.65 -21.83 -19.82
C ALA A 273 -5.13 -23.13 -20.49
N VAL A 274 -4.60 -24.27 -20.03
CA VAL A 274 -5.08 -25.57 -20.47
C VAL A 274 -5.30 -26.45 -19.23
N ILE A 275 -6.50 -27.02 -19.11
CA ILE A 275 -6.79 -27.91 -17.98
C ILE A 275 -6.71 -29.36 -18.46
N LEU A 276 -5.93 -30.16 -17.75
CA LEU A 276 -5.71 -31.55 -18.15
C LEU A 276 -6.26 -32.54 -17.12
N LYS A 277 -6.91 -33.59 -17.62
CA LYS A 277 -7.37 -34.67 -16.75
C LYS A 277 -7.37 -35.95 -17.55
N GLY A 278 -6.41 -36.82 -17.26
CA GLY A 278 -6.20 -38.04 -18.04
C GLY A 278 -5.85 -37.69 -19.47
N ARG A 279 -6.77 -37.96 -20.38
CA ARG A 279 -6.57 -37.64 -21.80
C ARG A 279 -7.31 -36.40 -22.24
N GLU A 280 -8.17 -35.90 -21.36
CA GLU A 280 -8.98 -34.70 -21.62
C GLU A 280 -8.10 -33.45 -21.58
N ARG A 281 -8.34 -32.54 -22.51
CA ARG A 281 -7.70 -31.23 -22.50
C ARG A 281 -8.74 -30.13 -22.75
N TYR A 282 -8.73 -29.12 -21.89
CA TYR A 282 -9.68 -28.01 -22.00
C TYR A 282 -8.94 -26.69 -22.07
N TYR A 283 -8.98 -26.05 -23.25
CA TYR A 283 -8.26 -24.82 -23.49
C TYR A 283 -9.14 -23.60 -23.21
N VAL A 284 -8.64 -22.68 -22.40
CA VAL A 284 -9.38 -21.47 -22.06
C VAL A 284 -8.54 -20.25 -22.45
N ASN A 285 -9.21 -19.24 -22.99
CA ASN A 285 -8.57 -17.98 -23.38
C ASN A 285 -8.36 -17.03 -22.20
N ALA A 286 -7.32 -16.20 -22.30
CA ALA A 286 -7.15 -15.09 -21.37
C ALA A 286 -8.18 -14.02 -21.70
N ILE A 287 -8.62 -13.30 -20.67
CA ILE A 287 -9.55 -12.18 -20.84
C ILE A 287 -8.84 -10.98 -21.46
N ARG A 288 -9.58 -10.10 -22.12
CA ARG A 288 -9.01 -8.89 -22.70
C ARG A 288 -8.56 -7.93 -21.60
N ILE A 289 -7.33 -7.45 -21.73
CA ILE A 289 -6.70 -6.61 -20.72
C ILE A 289 -6.56 -5.17 -21.23
N ARG A 290 -6.89 -4.21 -20.37
CA ARG A 290 -6.64 -2.80 -20.65
C ARG A 290 -5.13 -2.55 -20.69
N GLU A 291 -4.47 -2.78 -19.56
CA GLU A 291 -3.02 -2.63 -19.43
C GLU A 291 -2.48 -3.55 -18.35
N VAL A 292 -1.37 -4.23 -18.65
CA VAL A 292 -0.67 -5.04 -17.66
C VAL A 292 0.06 -4.10 -16.69
N VAL A 293 -0.57 -3.85 -15.54
CA VAL A 293 -0.05 -2.91 -14.55
C VAL A 293 0.99 -3.57 -13.66
N ASP A 294 0.66 -4.76 -13.15
CA ASP A 294 1.51 -5.48 -12.23
C ASP A 294 1.03 -6.92 -12.18
N THR A 295 1.87 -7.85 -12.63
CA THR A 295 1.49 -9.26 -12.72
C THR A 295 1.46 -9.98 -11.36
N THR A 296 1.85 -9.30 -10.29
CA THR A 296 1.88 -9.95 -8.96
C THR A 296 0.53 -10.53 -8.59
N GLY A 297 0.50 -11.83 -8.30
CA GLY A 297 -0.72 -12.48 -7.84
C GLY A 297 -1.52 -13.17 -8.94
N ALA A 298 -1.09 -13.04 -10.19
CA ALA A 298 -1.82 -13.62 -11.35
C ALA A 298 -2.08 -15.12 -11.16
N GLY A 299 -1.01 -15.88 -10.90
CA GLY A 299 -1.12 -17.31 -10.69
C GLY A 299 -1.97 -17.63 -9.47
N ASP A 300 -1.79 -16.87 -8.39
CA ASP A 300 -2.55 -17.08 -7.16
C ASP A 300 -4.05 -16.94 -7.40
N LEU A 301 -4.42 -15.95 -8.20
CA LEU A 301 -5.82 -15.64 -8.45
C LEU A 301 -6.43 -16.57 -9.48
N PHE A 302 -5.60 -17.05 -10.42
CA PHE A 302 -6.03 -18.16 -11.28
C PHE A 302 -6.45 -19.36 -10.43
N ALA A 303 -5.64 -19.70 -9.44
CA ALA A 303 -6.00 -20.75 -8.49
C ALA A 303 -7.30 -20.44 -7.71
N SER A 304 -7.48 -19.20 -7.27
CA SER A 304 -8.71 -18.80 -6.57
C SER A 304 -9.93 -19.10 -7.42
N GLY A 305 -9.87 -18.66 -8.68
CA GLY A 305 -10.97 -18.81 -9.62
C GLY A 305 -11.24 -20.27 -9.88
N PHE A 306 -10.17 -21.01 -10.16
CA PHE A 306 -10.29 -22.44 -10.44
C PHE A 306 -10.91 -23.20 -9.27
N LEU A 307 -10.34 -23.01 -8.08
CA LEU A 307 -10.75 -23.76 -6.89
C LEU A 307 -12.16 -23.41 -6.42
N TYR A 308 -12.53 -22.13 -6.55
CA TYR A 308 -13.90 -21.71 -6.31
C TYR A 308 -14.84 -22.45 -7.26
N GLY A 309 -14.52 -22.41 -8.55
CA GLY A 309 -15.33 -23.14 -9.53
C GLY A 309 -15.44 -24.61 -9.18
N TYR A 310 -14.30 -25.22 -8.87
CA TYR A 310 -14.18 -26.65 -8.58
C TYR A 310 -15.04 -27.09 -7.38
N THR A 311 -15.02 -26.28 -6.32
CA THR A 311 -15.76 -26.57 -5.10
C THR A 311 -17.26 -26.25 -5.21
N GLN A 312 -17.63 -25.56 -6.29
CA GLN A 312 -19.03 -25.27 -6.59
C GLN A 312 -19.56 -26.23 -7.65
N GLY A 313 -18.80 -27.29 -7.90
CA GLY A 313 -19.20 -28.36 -8.83
C GLY A 313 -19.24 -28.00 -10.30
N ARG A 314 -18.56 -26.91 -10.67
CA ARG A 314 -18.52 -26.43 -12.05
C ARG A 314 -17.60 -27.29 -12.92
N SER A 315 -17.86 -27.33 -14.24
CA SER A 315 -17.02 -28.06 -15.17
C SER A 315 -15.57 -27.57 -15.15
N LEU A 316 -14.63 -28.44 -15.53
CA LEU A 316 -13.22 -28.05 -15.58
C LEU A 316 -12.99 -26.82 -16.46
N GLU A 317 -13.72 -26.74 -17.58
CA GLU A 317 -13.61 -25.60 -18.48
C GLU A 317 -14.04 -24.30 -17.78
N ASP A 318 -15.21 -24.32 -17.14
CA ASP A 318 -15.71 -23.16 -16.39
C ASP A 318 -14.78 -22.79 -15.23
N CYS A 319 -14.16 -23.79 -14.60
CA CYS A 319 -13.14 -23.54 -13.58
C CYS A 319 -11.99 -22.72 -14.15
N GLY A 320 -11.47 -23.17 -15.31
CA GLY A 320 -10.46 -22.43 -16.07
C GLY A 320 -10.90 -21.02 -16.41
N LYS A 321 -12.15 -20.87 -16.84
CA LYS A 321 -12.68 -19.53 -17.16
C LYS A 321 -12.71 -18.62 -15.93
N LEU A 322 -13.13 -19.14 -14.79
CA LEU A 322 -13.16 -18.38 -13.54
C LEU A 322 -11.76 -17.99 -13.09
N GLY A 323 -10.82 -18.91 -13.30
CA GLY A 323 -9.41 -18.65 -13.04
C GLY A 323 -8.87 -17.53 -13.90
N CYS A 324 -9.12 -17.60 -15.20
CA CYS A 324 -8.62 -16.57 -16.12
C CYS A 324 -9.22 -15.19 -15.85
N LEU A 325 -10.48 -15.16 -15.44
CA LEU A 325 -11.15 -13.91 -15.11
C LEU A 325 -10.48 -13.29 -13.88
N ALA A 326 -10.29 -14.11 -12.85
CA ALA A 326 -9.68 -13.63 -11.61
C ALA A 326 -8.25 -13.15 -11.83
N ALA A 327 -7.47 -13.90 -12.60
CA ALA A 327 -6.10 -13.55 -12.92
C ALA A 327 -6.02 -12.25 -13.74
N GLY A 328 -6.93 -12.10 -14.70
CA GLY A 328 -6.96 -10.93 -15.55
C GLY A 328 -7.29 -9.66 -14.77
N ILE A 329 -8.16 -9.79 -13.78
CA ILE A 329 -8.51 -8.65 -12.93
C ILE A 329 -7.31 -8.22 -12.07
N VAL A 330 -6.63 -9.17 -11.45
CA VAL A 330 -5.57 -8.82 -10.51
C VAL A 330 -4.37 -8.13 -11.17
N ILE A 331 -4.10 -8.47 -12.44
CA ILE A 331 -2.93 -7.92 -13.14
C ILE A 331 -3.14 -6.46 -13.60
N GLN A 332 -4.36 -5.97 -13.45
CA GLN A 332 -4.71 -4.60 -13.87
C GLN A 332 -4.72 -3.64 -12.68
N GLN A 333 -4.15 -4.07 -11.57
CA GLN A 333 -4.02 -3.23 -10.39
C GLN A 333 -2.66 -3.44 -9.72
N ILE A 334 -2.25 -2.48 -8.91
CA ILE A 334 -1.07 -2.67 -8.06
C ILE A 334 -1.50 -3.51 -6.85
N GLY A 335 -0.68 -4.49 -6.46
CA GLY A 335 -0.97 -5.31 -5.28
C GLY A 335 -1.61 -6.65 -5.63
N PRO A 336 -1.36 -7.67 -4.80
CA PRO A 336 -1.66 -9.05 -5.17
C PRO A 336 -3.07 -9.54 -4.90
N ARG A 337 -3.91 -8.74 -4.26
CA ARG A 337 -5.26 -9.17 -3.92
C ARG A 337 -6.25 -8.18 -4.51
N PRO A 338 -7.18 -8.66 -5.37
CA PRO A 338 -8.12 -7.74 -6.03
C PRO A 338 -8.88 -6.86 -5.04
N THR A 340 -11.40 -5.02 -5.94
CA THR A 340 -12.78 -4.99 -6.45
C THR A 340 -13.44 -6.33 -6.17
N SER A 341 -14.77 -6.38 -6.32
CA SER A 341 -15.51 -7.64 -6.14
C SER A 341 -15.35 -8.58 -7.33
N LEU A 342 -14.77 -9.75 -7.07
CA LEU A 342 -14.63 -10.79 -8.07
C LEU A 342 -15.96 -11.46 -8.39
N SER A 343 -16.80 -11.60 -7.36
CA SER A 343 -18.13 -12.20 -7.50
C SER A 343 -19.01 -11.40 -8.45
N GLU A 344 -18.97 -10.07 -8.31
CA GLU A 344 -19.68 -9.17 -9.21
C GLU A 344 -19.13 -9.26 -10.62
N ALA A 345 -17.80 -9.35 -10.73
CA ALA A 345 -17.13 -9.48 -12.03
C ALA A 345 -17.51 -10.81 -12.71
N ALA A 346 -17.57 -11.88 -11.93
CA ALA A 346 -18.01 -13.20 -12.41
C ALA A 346 -19.44 -13.16 -12.94
N LYS A 347 -20.33 -12.55 -12.16
CA LYS A 347 -21.74 -12.41 -12.53
C LYS A 347 -21.90 -11.59 -13.81
N GLN A 348 -21.14 -10.51 -13.93
CA GLN A 348 -21.19 -9.64 -15.11
C GLN A 348 -20.62 -10.34 -16.35
N ALA A 349 -19.59 -11.17 -16.16
CA ALA A 349 -18.94 -11.88 -17.25
C ALA A 349 -19.75 -13.08 -17.78
N GLY A 350 -20.83 -13.41 -17.08
CA GLY A 350 -21.68 -14.54 -17.46
C GLY A 350 -21.19 -15.88 -16.94
N LEU A 351 -20.27 -15.84 -15.99
CA LEU A 351 -19.70 -17.06 -15.41
C LEU A 351 -20.38 -17.46 -14.10
N ILE A 352 -20.98 -16.47 -13.44
CA ILE A 352 -21.72 -16.64 -12.17
C ILE A 352 -20.90 -17.35 -11.10
N THR B 24 21.96 27.92 -0.28
CA THR B 24 21.41 27.29 0.93
C THR B 24 21.25 25.78 0.73
N ARG B 25 20.81 25.08 1.79
CA ARG B 25 20.78 23.63 1.73
C ARG B 25 19.45 22.99 1.36
N PHE B 26 18.36 23.73 1.59
CA PHE B 26 17.00 23.24 1.34
C PHE B 26 16.12 24.33 0.79
N ASP B 27 15.19 23.92 -0.07
CA ASP B 27 14.17 24.82 -0.54
C ASP B 27 13.03 24.85 0.46
N VAL B 28 12.60 23.66 0.89
CA VAL B 28 11.44 23.53 1.77
C VAL B 28 11.70 22.54 2.90
N LEU B 29 11.61 23.03 4.13
CA LEU B 29 11.52 22.21 5.31
C LEU B 29 10.04 22.12 5.68
N THR B 30 9.52 20.91 5.85
CA THR B 30 8.18 20.78 6.38
C THR B 30 8.23 20.10 7.77
N VAL B 31 7.21 20.37 8.58
CA VAL B 31 7.10 19.85 9.95
C VAL B 31 5.64 19.39 10.12
N GLY B 32 5.47 18.14 10.53
CA GLY B 32 4.14 17.61 10.74
C GLY B 32 4.09 16.35 11.59
N ASN B 33 2.89 15.83 11.72
CA ASN B 33 2.64 14.52 12.34
C ASN B 33 3.06 13.41 11.40
N ALA B 34 4.06 12.64 11.78
CA ALA B 34 4.55 11.53 10.96
C ALA B 34 3.58 10.36 11.10
N ILE B 35 2.95 9.99 9.98
CA ILE B 35 1.85 9.03 9.97
C ILE B 35 1.99 8.03 8.83
N VAL B 36 1.67 6.77 9.12
CA VAL B 36 1.46 5.78 8.05
C VAL B 36 -0.03 5.60 7.84
N ASP B 37 -0.47 5.68 6.58
CA ASP B 37 -1.88 5.53 6.21
C ASP B 37 -2.24 4.07 6.02
N ILE B 38 -3.46 3.75 6.44
CA ILE B 38 -4.06 2.41 6.25
C ILE B 38 -5.35 2.71 5.49
N ILE B 39 -5.38 2.30 4.22
CA ILE B 39 -6.36 2.82 3.26
C ILE B 39 -7.27 1.70 2.77
N SER B 40 -8.57 1.99 2.82
CA SER B 40 -9.58 1.05 2.33
C SER B 40 -10.77 1.77 1.72
N ARG B 41 -11.47 1.08 0.84
CA ARG B 41 -12.70 1.59 0.25
C ARG B 41 -13.84 1.27 1.21
N CYS B 42 -14.84 2.16 1.27
CA CYS B 42 -16.09 1.84 1.97
C CYS B 42 -17.29 2.50 1.29
N ASN B 43 -18.49 2.10 1.71
CA ASN B 43 -19.71 2.79 1.31
C ASN B 43 -20.05 3.96 2.26
N ASP B 44 -20.96 4.82 1.82
CA ASP B 44 -21.39 5.98 2.59
C ASP B 44 -21.96 5.58 3.95
N GLN B 45 -22.67 4.45 3.97
CA GLN B 45 -23.31 3.99 5.19
C GLN B 45 -22.31 3.55 6.25
N PHE B 46 -21.14 3.09 5.82
CA PHE B 46 -20.12 2.67 6.77
C PHE B 46 -19.74 3.86 7.64
N LEU B 47 -19.63 5.03 7.01
CA LEU B 47 -19.30 6.26 7.73
C LEU B 47 -20.37 6.62 8.75
N ILE B 48 -21.63 6.58 8.34
CA ILE B 48 -22.76 6.89 9.22
C ILE B 48 -22.80 5.91 10.40
N ASP B 49 -22.71 4.62 10.09
CA ASP B 49 -22.79 3.59 11.13
C ASP B 49 -21.69 3.71 12.19
N ASN B 50 -20.53 4.22 11.79
CA ASN B 50 -19.38 4.35 12.69
C ASN B 50 -19.14 5.77 13.20
N GLN B 51 -20.05 6.68 12.87
CA GLN B 51 -19.98 8.07 13.34
C GLN B 51 -18.68 8.75 12.94
N ILE B 52 -18.21 8.46 11.73
CA ILE B 52 -17.02 9.07 11.14
C ILE B 52 -17.45 10.29 10.35
N THR B 53 -16.88 11.44 10.66
CA THR B 53 -17.21 12.66 9.94
C THR B 53 -16.59 12.57 8.55
N LYS B 54 -17.44 12.55 7.53
CA LYS B 54 -16.97 12.40 6.15
C LYS B 54 -16.10 13.58 5.73
N ALA B 55 -14.98 13.27 5.05
CA ALA B 55 -14.09 14.27 4.44
C ALA B 55 -13.22 14.98 5.47
N ALA B 56 -13.32 14.56 6.73
CA ALA B 56 -12.60 15.21 7.83
C ALA B 56 -11.49 14.33 8.42
N ASN B 58 -10.52 12.88 11.78
CA ASN B 58 -11.13 12.49 13.04
C ASN B 58 -10.05 11.93 13.96
N LEU B 59 -9.76 12.62 15.06
CA LEU B 59 -8.83 12.08 16.04
C LEU B 59 -9.44 10.95 16.83
N ILE B 60 -8.65 9.92 17.05
CA ILE B 60 -9.10 8.74 17.77
C ILE B 60 -8.08 8.26 18.80
N ASP B 61 -8.56 7.66 19.88
CA ASP B 61 -7.66 7.03 20.85
C ASP B 61 -7.32 5.59 20.46
N ALA B 62 -6.46 4.94 21.24
CA ALA B 62 -6.00 3.59 20.91
C ALA B 62 -7.15 2.59 20.83
N GLU B 63 -8.08 2.66 21.77
CA GLU B 63 -9.23 1.75 21.81
C GLU B 63 -10.09 1.91 20.57
N ARG B 64 -10.37 3.15 20.17
CA ARG B 64 -11.17 3.39 18.98
C ARG B 64 -10.45 2.95 17.72
N ALA B 65 -9.13 3.09 17.69
CA ALA B 65 -8.32 2.64 16.56
C ALA B 65 -8.45 1.14 16.37
N GLU B 66 -8.37 0.39 17.47
CA GLU B 66 -8.58 -1.06 17.45
C GLU B 66 -9.98 -1.37 16.95
N LEU B 67 -10.99 -0.68 17.48
CA LEU B 67 -12.37 -0.90 17.09
C LEU B 67 -12.57 -0.65 15.59
N LEU B 68 -12.17 0.52 15.10
CA LEU B 68 -12.34 0.83 13.68
C LEU B 68 -11.61 -0.16 12.77
N TYR B 69 -10.41 -0.57 13.15
CA TYR B 69 -9.61 -1.47 12.31
C TYR B 69 -10.32 -2.82 12.24
N SER B 70 -10.93 -3.21 13.35
CA SER B 70 -11.65 -4.48 13.44
C SER B 70 -12.81 -4.52 12.45
N ARG B 71 -13.29 -3.35 12.06
CA ARG B 71 -14.44 -3.24 11.14
C ARG B 71 -14.04 -2.93 9.71
N GLY B 73 -12.18 -3.16 6.07
CA GLY B 73 -11.89 -4.23 5.12
C GLY B 73 -10.39 -4.40 4.91
N PRO B 74 -10.00 -5.31 4.00
CA PRO B 74 -8.59 -5.47 3.65
C PRO B 74 -8.02 -4.13 3.18
N ALA B 75 -6.78 -3.82 3.56
CA ALA B 75 -6.27 -2.47 3.33
C ALA B 75 -4.91 -2.45 2.68
N LEU B 76 -4.49 -1.25 2.30
CA LEU B 76 -3.20 -0.96 1.71
CA LEU B 76 -3.16 -1.01 1.76
C LEU B 76 -2.49 -0.01 2.67
N GLU B 77 -1.17 -0.14 2.81
CA GLU B 77 -0.44 0.83 3.64
C GLU B 77 0.47 1.70 2.81
N ALA B 78 0.54 2.98 3.20
CA ALA B 78 1.38 3.91 2.49
C ALA B 78 1.75 5.02 3.45
N SER B 79 3.02 5.39 3.43
CA SER B 79 3.47 6.56 4.18
C SER B 79 2.60 7.78 3.89
N GLY B 80 2.21 8.46 4.96
CA GLY B 80 1.36 9.64 4.88
C GLY B 80 1.90 10.80 5.68
N GLY B 81 0.99 11.47 6.38
CA GLY B 81 1.34 12.69 7.10
C GLY B 81 1.30 13.86 6.13
N SER B 82 0.42 14.82 6.38
CA SER B 82 0.22 15.93 5.45
CA SER B 82 0.23 15.94 5.46
C SER B 82 1.53 16.60 5.03
N ALA B 83 2.30 17.10 6.02
CA ALA B 83 3.59 17.73 5.72
C ALA B 83 4.62 16.77 5.12
N GLY B 84 4.51 15.48 5.47
CA GLY B 84 5.40 14.47 4.94
C GLY B 84 5.18 14.33 3.45
N ASN B 85 3.89 14.24 3.09
CA ASN B 85 3.48 14.20 1.68
C ASN B 85 3.98 15.43 0.94
N THR B 86 3.83 16.59 1.57
CA THR B 86 4.29 17.83 0.95
C THR B 86 5.79 17.85 0.69
N ALA B 87 6.58 17.43 1.68
CA ALA B 87 8.02 17.31 1.50
C ALA B 87 8.38 16.35 0.36
N ALA B 88 7.74 15.18 0.34
CA ALA B 88 7.98 14.18 -0.68
C ALA B 88 7.67 14.76 -2.05
N GLY B 89 6.59 15.53 -2.11
CA GLY B 89 6.18 16.15 -3.36
C GLY B 89 7.20 17.14 -3.90
N VAL B 90 7.76 17.97 -3.01
CA VAL B 90 8.78 18.94 -3.38
C VAL B 90 10.01 18.22 -3.96
N ALA B 91 10.43 17.15 -3.28
CA ALA B 91 11.56 16.34 -3.76
C ALA B 91 11.29 15.69 -5.12
N ASN B 92 10.09 15.15 -5.27
CA ASN B 92 9.65 14.56 -6.54
C ASN B 92 9.76 15.58 -7.69
N LEU B 93 9.31 16.81 -7.45
CA LEU B 93 9.41 17.91 -8.43
C LEU B 93 10.84 18.30 -8.80
N GLY B 94 11.80 17.98 -7.91
CA GLY B 94 13.21 18.26 -8.15
C GLY B 94 13.81 19.26 -7.18
N GLY B 95 12.98 19.69 -6.23
CA GLY B 95 13.42 20.61 -5.18
C GLY B 95 14.14 19.88 -4.06
N LYS B 96 14.80 20.65 -3.22
CA LYS B 96 15.49 20.14 -2.03
CA LYS B 96 15.46 20.11 -2.03
C LYS B 96 14.60 20.26 -0.74
N ALA B 97 14.21 19.10 -0.20
CA ALA B 97 13.32 19.08 0.95
C ALA B 97 13.90 18.44 2.21
N ALA B 98 13.39 18.89 3.35
CA ALA B 98 13.70 18.28 4.63
C ALA B 98 12.39 18.13 5.39
N TYR B 99 12.39 17.28 6.40
CA TYR B 99 11.18 17.00 7.19
C TYR B 99 11.52 16.79 8.66
N PHE B 100 10.73 17.41 9.55
CA PHE B 100 10.73 17.05 10.98
C PHE B 100 9.41 16.36 11.33
N GLY B 101 9.50 15.23 12.01
CA GLY B 101 8.30 14.50 12.44
C GLY B 101 8.74 13.27 13.23
N ASN B 102 7.98 12.91 14.26
CA ASN B 102 8.44 11.86 15.15
C ASN B 102 7.69 10.54 14.98
N VAL B 103 8.46 9.49 14.66
CA VAL B 103 7.94 8.10 14.63
C VAL B 103 8.45 7.32 15.83
N ALA B 104 7.92 6.11 16.01
CA ALA B 104 8.44 5.17 17.01
C ALA B 104 9.49 4.22 16.42
N ALA B 105 10.29 3.59 17.28
CA ALA B 105 11.21 2.52 16.88
C ALA B 105 10.42 1.22 16.67
N ASP B 106 9.64 1.19 15.58
CA ASP B 106 8.84 0.02 15.24
C ASP B 106 8.75 -0.11 13.72
N GLN B 107 8.07 -1.14 13.23
CA GLN B 107 8.05 -1.40 11.81
C GLN B 107 7.39 -0.29 10.99
N LEU B 108 6.28 0.24 11.50
CA LEU B 108 5.64 1.40 10.87
C LEU B 108 6.57 2.62 10.77
N GLY B 109 7.34 2.84 11.83
CA GLY B 109 8.32 3.91 11.84
C GLY B 109 9.42 3.70 10.84
N ASP B 110 9.87 2.44 10.71
CA ASP B 110 10.86 2.06 9.71
C ASP B 110 10.33 2.29 8.28
N ILE B 111 9.05 1.98 8.08
CA ILE B 111 8.41 2.21 6.78
C ILE B 111 8.40 3.71 6.48
N PHE B 112 7.90 4.49 7.44
CA PHE B 112 7.87 5.93 7.28
C PHE B 112 9.26 6.50 6.97
N THR B 113 10.25 6.14 7.80
CA THR B 113 11.63 6.61 7.60
C THR B 113 12.15 6.26 6.19
N HIS B 114 11.93 5.01 5.77
CA HIS B 114 12.39 4.58 4.48
C HIS B 114 11.78 5.40 3.35
N ASP B 115 10.46 5.54 3.37
CA ASP B 115 9.74 6.13 2.23
C ASP B 115 10.14 7.57 1.99
N ILE B 116 10.29 8.33 3.07
CA ILE B 116 10.59 9.75 2.93
C ILE B 116 12.05 9.96 2.55
N ARG B 117 12.94 9.20 3.17
CA ARG B 117 14.36 9.27 2.80
C ARG B 117 14.61 8.78 1.37
N ALA B 118 13.88 7.75 0.94
CA ALA B 118 14.06 7.18 -0.39
C ALA B 118 13.67 8.16 -1.50
N GLN B 119 12.74 9.08 -1.19
CA GLN B 119 12.35 10.17 -2.09
C GLN B 119 13.40 11.29 -2.15
N GLY B 120 14.39 11.22 -1.26
CA GLY B 120 15.50 12.18 -1.24
C GLY B 120 15.25 13.36 -0.31
N VAL B 121 14.30 13.21 0.60
CA VAL B 121 14.01 14.17 1.68
C VAL B 121 14.96 13.93 2.86
N HIS B 122 15.62 14.99 3.34
CA HIS B 122 16.42 14.92 4.57
C HIS B 122 15.48 14.63 5.74
N TYR B 123 15.70 13.49 6.41
CA TYR B 123 14.86 13.13 7.56
C TYR B 123 15.70 12.48 8.65
N GLN B 124 15.89 13.21 9.73
CA GLN B 124 16.80 12.79 10.79
CA GLN B 124 16.82 12.81 10.78
C GLN B 124 16.22 12.79 12.20
N THR B 125 14.92 13.04 12.32
CA THR B 125 14.26 12.99 13.63
C THR B 125 14.38 11.59 14.23
N LYS B 126 14.98 11.51 15.41
CA LYS B 126 15.24 10.25 16.09
C LYS B 126 14.03 9.75 16.87
N PRO B 127 13.64 8.47 16.69
CA PRO B 127 12.60 7.93 17.56
C PRO B 127 13.06 7.90 19.02
N LYS B 128 12.11 8.01 19.94
CA LYS B 128 12.42 8.09 21.37
C LYS B 128 12.20 6.76 22.10
N GLY B 129 11.73 5.76 21.36
CA GLY B 129 11.35 4.47 21.92
C GLY B 129 10.28 3.82 21.06
N ALA B 130 9.74 2.72 21.55
CA ALA B 130 8.77 1.92 20.81
C ALA B 130 7.32 2.25 21.17
N PHE B 131 7.10 2.92 22.30
CA PHE B 131 5.76 3.32 22.74
C PHE B 131 5.75 4.79 23.18
N PRO B 132 4.71 5.57 22.78
CA PRO B 132 3.59 5.18 21.93
C PRO B 132 4.10 4.74 20.56
N PRO B 133 3.34 3.86 19.86
CA PRO B 133 3.81 3.38 18.56
C PRO B 133 3.63 4.48 17.51
N THR B 134 4.17 4.24 16.32
CA THR B 134 4.08 5.20 15.22
C THR B 134 2.63 5.50 14.88
N ALA B 135 2.34 6.78 14.64
CA ALA B 135 0.99 7.21 14.27
C ALA B 135 0.50 6.48 13.02
N ARG B 136 -0.81 6.23 13.01
CA ARG B 136 -1.45 5.68 11.82
C ARG B 136 -2.80 6.35 11.61
N SER B 137 -3.21 6.43 10.35
CA SER B 137 -4.51 6.97 10.04
C SER B 137 -5.27 5.98 9.18
N ILE B 139 -7.91 5.52 6.72
CA ILE B 139 -8.49 6.40 5.72
C ILE B 139 -9.48 5.61 4.88
N PHE B 140 -10.74 6.01 4.98
CA PHE B 140 -11.83 5.37 4.24
C PHE B 140 -12.22 6.20 3.02
N VAL B 141 -12.11 5.61 1.84
CA VAL B 141 -12.37 6.31 0.57
C VAL B 141 -13.72 5.85 0.05
N THR B 142 -14.64 6.80 -0.14
CA THR B 142 -15.99 6.51 -0.61
C THR B 142 -16.02 6.56 -2.13
N GLU B 143 -17.14 6.12 -2.74
CA GLU B 143 -17.26 5.99 -4.19
C GLU B 143 -16.97 7.29 -4.94
N ASP B 144 -17.29 8.41 -4.30
CA ASP B 144 -17.05 9.73 -4.86
C ASP B 144 -15.58 10.17 -4.84
N GLY B 145 -14.72 9.34 -4.23
CA GLY B 145 -13.31 9.66 -4.14
C GLY B 145 -12.96 10.48 -2.92
N GLU B 146 -13.97 10.86 -2.13
CA GLU B 146 -13.71 11.56 -0.87
C GLU B 146 -12.99 10.66 0.14
N ARG B 147 -12.17 11.28 0.99
CA ARG B 147 -11.43 10.53 2.03
CA ARG B 147 -11.43 10.54 2.01
C ARG B 147 -11.74 11.01 3.47
N SER B 148 -11.98 10.02 4.33
CA SER B 148 -12.35 10.30 5.70
C SER B 148 -11.31 9.62 6.57
N ASN B 150 -9.09 8.75 10.11
CA ASN B 150 -9.26 8.42 11.52
C ASN B 150 -7.89 8.15 12.12
N THR B 151 -7.34 9.17 12.78
CA THR B 151 -5.93 9.21 13.10
C THR B 151 -5.66 9.00 14.58
N TYR B 152 -4.87 7.96 14.87
CA TYR B 152 -4.29 7.79 16.21
C TYR B 152 -2.88 8.36 16.19
N LEU B 153 -2.66 9.42 16.98
CA LEU B 153 -1.42 10.18 16.96
C LEU B 153 -0.16 9.45 17.45
N GLY B 154 -0.32 8.49 18.36
CA GLY B 154 0.83 7.68 18.80
C GLY B 154 2.04 8.54 19.13
N ALA B 155 3.19 8.17 18.56
CA ALA B 155 4.47 8.84 18.80
C ALA B 155 4.50 10.33 18.43
N CYS B 156 3.56 10.77 17.61
CA CYS B 156 3.48 12.20 17.27
C CYS B 156 3.35 13.12 18.49
N VAL B 157 2.82 12.60 19.59
CA VAL B 157 2.64 13.42 20.80
C VAL B 157 3.98 13.80 21.43
N GLU B 158 5.04 13.12 21.01
CA GLU B 158 6.36 13.38 21.57
C GLU B 158 7.19 14.41 20.83
N LEU B 159 6.72 14.87 19.66
CA LEU B 159 7.44 15.91 18.91
C LEU B 159 7.52 17.22 19.71
N GLY B 160 8.73 17.77 19.85
CA GLY B 160 8.92 18.98 20.66
C GLY B 160 10.14 19.78 20.24
N PRO B 161 10.47 20.84 21.01
CA PRO B 161 11.62 21.69 20.67
C PRO B 161 12.93 20.94 20.41
N GLU B 162 13.14 19.82 21.12
CA GLU B 162 14.35 19.01 21.02
C GLU B 162 14.52 18.37 19.63
N ASP B 163 13.47 18.41 18.83
CA ASP B 163 13.50 17.83 17.48
C ASP B 163 13.77 18.87 16.41
N VAL B 164 13.92 20.12 16.82
CA VAL B 164 14.27 21.17 15.87
C VAL B 164 15.77 21.09 15.56
N GLU B 165 16.08 20.83 14.29
CA GLU B 165 17.45 20.89 13.80
C GLU B 165 17.65 22.33 13.34
N ALA B 166 18.21 23.16 14.23
CA ALA B 166 18.35 24.60 13.99
C ALA B 166 19.04 24.94 12.68
N ASP B 167 20.13 24.23 12.39
CA ASP B 167 20.87 24.42 11.12
CA ASP B 167 20.85 24.46 11.14
C ASP B 167 19.97 24.20 9.88
N VAL B 168 19.04 23.26 10.04
CA VAL B 168 18.15 22.94 8.91
C VAL B 168 17.15 24.09 8.65
N VAL B 169 16.52 24.58 9.72
CA VAL B 169 15.62 25.73 9.64
C VAL B 169 16.35 26.96 9.07
N ALA B 170 17.53 27.26 9.63
CA ALA B 170 18.39 28.35 9.18
C ALA B 170 18.74 28.27 7.68
N ASP B 171 18.89 27.06 7.16
CA ASP B 171 19.34 26.84 5.79
C ASP B 171 18.21 26.46 4.81
N ALA B 172 16.95 26.61 5.26
CA ALA B 172 15.79 26.33 4.39
C ALA B 172 15.09 27.61 3.94
N LYS B 173 14.82 27.74 2.64
CA LYS B 173 14.19 28.96 2.16
C LYS B 173 12.81 29.15 2.78
N VAL B 174 12.03 28.06 2.90
CA VAL B 174 10.70 28.08 3.51
C VAL B 174 10.63 26.94 4.53
N THR B 175 10.10 27.23 5.71
CA THR B 175 9.69 26.21 6.67
C THR B 175 8.15 26.22 6.73
N TYR B 176 7.55 25.09 6.37
CA TYR B 176 6.08 24.89 6.26
C TYR B 176 5.61 23.88 7.31
N PHE B 177 4.48 24.16 7.93
CA PHE B 177 3.99 23.27 8.99
C PHE B 177 2.48 23.13 8.96
N GLU B 178 2.02 22.06 9.61
CA GLU B 178 0.60 21.73 9.68
C GLU B 178 -0.11 22.39 10.83
N GLY B 179 -1.29 22.96 10.57
CA GLY B 179 -2.25 23.30 11.60
C GLY B 179 -2.54 22.11 12.51
N TYR B 180 -2.51 20.92 11.92
CA TYR B 180 -2.65 19.66 12.67
C TYR B 180 -1.70 19.52 13.88
N LEU B 181 -0.59 20.28 13.87
CA LEU B 181 0.41 20.16 14.94
C LEU B 181 -0.08 20.77 16.25
N TRP B 182 -1.19 21.52 16.19
CA TRP B 182 -1.78 22.09 17.40
C TRP B 182 -2.49 21.05 18.29
N ASP B 183 -2.77 19.86 17.78
CA ASP B 183 -3.39 18.81 18.58
C ASP B 183 -2.45 18.14 19.57
N PRO B 184 -1.26 17.68 19.10
CA PRO B 184 -0.32 17.14 20.11
C PRO B 184 0.17 18.25 21.03
N PRO B 185 0.73 17.89 22.21
CA PRO B 185 0.91 18.94 23.21
C PRO B 185 2.07 19.93 23.01
N ARG B 186 3.21 19.44 22.54
CA ARG B 186 4.45 20.23 22.55
CA ARG B 186 4.43 20.24 22.54
C ARG B 186 4.92 20.66 21.16
N ALA B 187 4.25 20.17 20.12
CA ALA B 187 4.67 20.49 18.76
C ALA B 187 4.70 22.00 18.49
N LYS B 188 3.71 22.73 19.04
CA LYS B 188 3.65 24.17 18.86
C LYS B 188 4.90 24.90 19.37
N GLU B 189 5.51 24.39 20.43
CA GLU B 189 6.75 24.97 20.94
C GLU B 189 7.89 24.85 19.93
N ALA B 190 7.97 23.68 19.28
CA ALA B 190 8.93 23.47 18.21
C ALA B 190 8.69 24.46 17.07
N ILE B 191 7.42 24.66 16.71
CA ILE B 191 7.05 25.60 15.64
C ILE B 191 7.44 27.05 15.94
N LEU B 192 7.15 27.49 17.16
CA LEU B 192 7.56 28.84 17.58
C LEU B 192 9.09 29.01 17.48
N ASP B 193 9.82 27.98 17.90
CA ASP B 193 11.26 27.96 17.75
C ASP B 193 11.68 28.06 16.29
N CYS B 194 11.01 27.29 15.42
CA CYS B 194 11.28 27.34 13.99
C CYS B 194 11.04 28.74 13.41
N ALA B 195 9.93 29.36 13.82
CA ALA B 195 9.55 30.69 13.33
C ALA B 195 10.63 31.71 13.67
N ARG B 196 11.16 31.62 14.88
CA ARG B 196 12.23 32.52 15.33
CA ARG B 196 12.23 32.51 15.34
C ARG B 196 13.49 32.32 14.50
N ILE B 197 13.93 31.07 14.36
CA ILE B 197 15.16 30.75 13.62
C ILE B 197 15.03 31.14 12.13
N ALA B 198 13.93 30.72 11.49
CA ALA B 198 13.68 31.06 10.08
C ALA B 198 13.69 32.56 9.83
N HIS B 199 12.95 33.31 10.64
CA HIS B 199 12.88 34.74 10.45
C HIS B 199 14.18 35.49 10.77
N GLN B 200 14.95 34.99 11.74
CA GLN B 200 16.26 35.57 12.04
C GLN B 200 17.28 35.35 10.92
N HIS B 201 17.05 34.32 10.10
CA HIS B 201 17.91 34.02 8.97
C HIS B 201 17.32 34.46 7.65
N GLY B 202 16.29 35.32 7.72
CA GLY B 202 15.67 35.92 6.54
C GLY B 202 14.86 34.98 5.66
N ARG B 203 14.42 33.87 6.24
CA ARG B 203 13.62 32.89 5.53
C ARG B 203 12.14 33.17 5.74
N GLU B 204 11.29 32.37 5.11
CA GLU B 204 9.86 32.52 5.30
C GLU B 204 9.23 31.28 5.95
N SER B 206 5.57 29.10 6.50
CA SER B 206 4.30 28.81 5.86
C SER B 206 3.51 27.82 6.69
N THR B 208 -0.29 25.32 6.62
CA THR B 208 -1.59 24.94 6.13
C THR B 208 -2.62 24.90 7.26
N LEU B 209 -3.84 25.34 6.97
CA LEU B 209 -4.92 25.30 7.94
C LEU B 209 -5.44 23.88 8.22
N SER B 210 -5.01 22.95 7.36
CA SER B 210 -5.13 21.50 7.53
C SER B 210 -6.52 20.88 7.38
N ASP B 211 -7.47 21.36 8.17
CA ASP B 211 -8.79 20.76 8.27
C ASP B 211 -9.75 21.74 8.93
N SER B 212 -10.99 21.77 8.50
CA SER B 212 -11.92 22.78 8.96
C SER B 212 -12.23 22.63 10.45
N PHE B 213 -12.27 21.40 10.95
CA PHE B 213 -12.47 21.15 12.37
C PHE B 213 -11.24 21.53 13.18
N CYS B 214 -10.06 21.26 12.63
CA CYS B 214 -8.79 21.72 13.21
C CYS B 214 -8.77 23.25 13.36
N VAL B 215 -9.21 23.95 12.31
CA VAL B 215 -9.37 25.40 12.35
C VAL B 215 -10.31 25.79 13.48
N ASP B 216 -11.43 25.06 13.61
CA ASP B 216 -12.39 25.35 14.65
C ASP B 216 -11.77 25.21 16.03
N ARG B 217 -10.89 24.21 16.20
CA ARG B 217 -10.29 23.98 17.51
C ARG B 217 -9.31 25.07 17.90
N TYR B 218 -8.62 25.63 16.90
CA TYR B 218 -7.49 26.55 17.13
C TYR B 218 -7.60 27.89 16.39
N ARG B 219 -8.84 28.31 16.13
CA ARG B 219 -9.12 29.50 15.34
C ARG B 219 -8.31 30.73 15.79
N GLY B 220 -8.42 31.04 17.07
CA GLY B 220 -7.73 32.22 17.63
C GLY B 220 -6.22 32.14 17.53
N GLU B 221 -5.68 30.95 17.81
CA GLU B 221 -4.25 30.73 17.70
C GLU B 221 -3.75 30.87 16.27
N PHE B 222 -4.50 30.33 15.31
CA PHE B 222 -4.10 30.41 13.91
C PHE B 222 -4.07 31.84 13.41
N LEU B 223 -5.12 32.61 13.71
CA LEU B 223 -5.18 34.05 13.40
C LEU B 223 -3.99 34.80 14.00
N ASP B 224 -3.66 34.48 15.24
CA ASP B 224 -2.48 35.07 15.87
CA ASP B 224 -2.48 35.06 15.92
C ASP B 224 -1.14 34.78 15.16
N LEU B 225 -1.01 33.54 14.72
CA LEU B 225 0.19 33.18 13.97
C LEU B 225 0.33 34.06 12.73
N ARG B 227 -1.37 37.13 12.06
CA ARG B 227 -1.32 38.56 12.38
C ARG B 227 -0.01 38.98 13.05
N SER B 228 0.60 38.08 13.82
CA SER B 228 1.88 38.38 14.46
C SER B 228 3.03 38.27 13.47
N GLY B 229 2.74 37.76 12.28
CA GLY B 229 3.77 37.54 11.25
C GLY B 229 4.67 36.33 11.47
N LYS B 230 4.31 35.45 12.41
CA LYS B 230 5.03 34.18 12.57
C LYS B 230 4.83 33.28 11.36
N VAL B 231 3.72 33.48 10.67
CA VAL B 231 3.40 32.79 9.40
C VAL B 231 3.34 33.82 8.27
N ASP B 232 4.08 33.56 7.18
CA ASP B 232 4.08 34.45 6.00
C ASP B 232 3.14 33.98 4.88
N ILE B 233 3.06 32.67 4.68
CA ILE B 233 2.31 32.11 3.56
C ILE B 233 1.33 31.10 4.13
N VAL B 234 0.03 31.31 3.90
CA VAL B 234 -1.01 30.41 4.43
CA VAL B 234 -0.98 30.39 4.43
C VAL B 234 -1.69 29.63 3.31
N PHE B 235 -1.85 28.32 3.52
CA PHE B 235 -2.61 27.49 2.60
C PHE B 235 -3.94 27.15 3.24
N ALA B 236 -4.99 27.13 2.44
CA ALA B 236 -6.34 26.83 2.90
C ALA B 236 -7.16 26.29 1.74
N ASN B 237 -8.14 25.45 2.05
CA ASN B 237 -9.20 25.19 1.09
C ASN B 237 -10.41 26.04 1.45
N ARG B 238 -11.44 25.98 0.61
CA ARG B 238 -12.65 26.77 0.81
C ARG B 238 -13.23 26.55 2.21
N GLN B 239 -13.38 25.28 2.61
CA GLN B 239 -13.98 24.95 3.90
C GLN B 239 -13.17 25.51 5.06
N GLU B 240 -11.85 25.43 4.97
CA GLU B 240 -10.98 25.97 6.03
C GLU B 240 -11.06 27.49 6.15
N ALA B 241 -11.10 28.18 5.00
CA ALA B 241 -11.17 29.64 4.97
C ALA B 241 -12.50 30.11 5.55
N LEU B 242 -13.59 29.44 5.20
CA LEU B 242 -14.91 29.70 5.78
C LEU B 242 -14.93 29.45 7.29
N SER B 243 -14.31 28.35 7.70
CA SER B 243 -14.20 28.04 9.12
C SER B 243 -13.40 29.10 9.89
N LEU B 244 -12.32 29.58 9.29
CA LEU B 244 -11.43 30.54 9.97
C LEU B 244 -12.16 31.82 10.36
N TYR B 245 -13.03 32.30 9.48
CA TYR B 245 -13.80 33.51 9.78
C TYR B 245 -15.27 33.26 10.12
N GLN B 246 -15.64 31.99 10.31
CA GLN B 246 -16.96 31.57 10.78
C GLN B 246 -18.05 32.22 9.92
N THR B 247 -17.86 32.09 8.61
CA THR B 247 -18.72 32.73 7.63
C THR B 247 -19.17 31.75 6.55
N ASP B 248 -20.33 32.03 5.96
CA ASP B 248 -20.78 31.31 4.77
C ASP B 248 -20.42 32.07 3.49
N ASP B 249 -19.89 33.28 3.68
CA ASP B 249 -19.52 34.18 2.59
C ASP B 249 -18.06 33.99 2.17
N PHE B 250 -17.83 33.27 1.08
CA PHE B 250 -16.48 32.99 0.60
C PHE B 250 -15.71 34.25 0.20
N GLU B 251 -16.41 35.22 -0.37
CA GLU B 251 -15.78 36.48 -0.75
C GLU B 251 -15.24 37.23 0.46
N GLU B 252 -16.00 37.21 1.56
CA GLU B 252 -15.56 37.78 2.83
C GLU B 252 -14.34 37.03 3.33
N ALA B 253 -14.40 35.70 3.30
CA ALA B 253 -13.27 34.88 3.73
C ALA B 253 -11.99 35.21 2.95
N LEU B 254 -12.12 35.41 1.63
CA LEU B 254 -10.96 35.78 0.81
C LEU B 254 -10.40 37.16 1.17
N ASN B 255 -11.29 38.13 1.35
CA ASN B 255 -10.89 39.48 1.77
C ASN B 255 -10.16 39.48 3.12
N ARG B 256 -10.72 38.75 4.08
CA ARG B 256 -10.16 38.68 5.42
C ARG B 256 -8.81 37.97 5.47
N ILE B 257 -8.68 36.86 4.75
CA ILE B 257 -7.43 36.10 4.76
C ILE B 257 -6.30 36.90 4.10
N ALA B 258 -6.63 37.67 3.07
CA ALA B 258 -5.64 38.48 2.37
C ALA B 258 -5.13 39.58 3.31
N ALA B 259 -6.00 40.04 4.21
CA ALA B 259 -5.64 41.07 5.19
C ALA B 259 -4.77 40.51 6.33
N ASP B 260 -4.88 39.22 6.59
CA ASP B 260 -4.26 38.62 7.78
C ASP B 260 -2.89 37.99 7.53
N CYS B 261 -2.54 37.76 6.28
CA CYS B 261 -1.25 37.14 5.96
CA CYS B 261 -1.30 37.08 5.91
C CYS B 261 -0.68 37.72 4.68
N LYS B 262 0.64 37.61 4.53
CA LYS B 262 1.32 38.22 3.37
C LYS B 262 0.91 37.58 2.05
N ILE B 263 0.88 36.26 2.01
CA ILE B 263 0.41 35.51 0.83
C ILE B 263 -0.53 34.42 1.30
N ALA B 264 -1.68 34.29 0.64
CA ALA B 264 -2.61 33.21 0.90
C ALA B 264 -2.86 32.42 -0.37
N ALA B 265 -2.87 31.10 -0.25
CA ALA B 265 -3.15 30.23 -1.39
C ALA B 265 -4.37 29.39 -1.07
N VAL B 266 -5.49 29.72 -1.68
CA VAL B 266 -6.77 29.10 -1.35
C VAL B 266 -7.27 28.18 -2.48
N THR B 267 -7.45 26.91 -2.17
CA THR B 267 -7.92 25.92 -3.14
C THR B 267 -9.43 25.76 -3.08
N SER B 269 -11.06 22.97 -4.87
CA SER B 269 -11.28 21.66 -5.51
C SER B 269 -11.34 21.75 -7.05
N GLU B 270 -12.46 21.34 -7.64
CA GLU B 270 -12.62 21.37 -9.09
C GLU B 270 -12.70 22.80 -9.67
N ASN B 271 -12.93 23.77 -8.79
CA ASN B 271 -13.01 25.18 -9.18
C ASN B 271 -11.66 25.89 -9.18
N GLY B 272 -10.59 25.14 -8.96
CA GLY B 272 -9.23 25.63 -9.10
C GLY B 272 -8.65 26.19 -7.81
N ALA B 273 -7.93 27.30 -7.94
CA ALA B 273 -7.28 27.94 -6.78
C ALA B 273 -7.19 29.43 -7.00
N VAL B 274 -7.04 30.19 -5.93
CA VAL B 274 -6.80 31.63 -6.00
C VAL B 274 -5.64 31.99 -5.08
N ILE B 275 -4.67 32.73 -5.63
CA ILE B 275 -3.53 33.17 -4.84
C ILE B 275 -3.70 34.65 -4.54
N LEU B 276 -3.60 35.00 -3.26
CA LEU B 276 -3.83 36.38 -2.81
C LEU B 276 -2.55 36.97 -2.24
N LYS B 277 -2.25 38.21 -2.61
CA LYS B 277 -1.13 38.94 -2.03
C LYS B 277 -1.50 40.42 -1.99
N GLY B 278 -1.82 40.92 -0.81
CA GLY B 278 -2.29 42.30 -0.66
C GLY B 278 -3.62 42.46 -1.36
N ARG B 279 -3.65 43.34 -2.35
CA ARG B 279 -4.85 43.55 -3.17
C ARG B 279 -4.85 42.66 -4.42
N GLU B 280 -3.73 41.98 -4.68
CA GLU B 280 -3.56 41.15 -5.87
C GLU B 280 -4.27 39.80 -5.73
N ARG B 281 -4.94 39.36 -6.79
CA ARG B 281 -5.51 38.00 -6.85
C ARG B 281 -5.12 37.33 -8.15
N TYR B 282 -4.70 36.08 -8.06
CA TYR B 282 -4.32 35.29 -9.22
C TYR B 282 -5.09 33.97 -9.22
N TYR B 283 -6.06 33.86 -10.12
CA TYR B 283 -6.88 32.66 -10.25
C TYR B 283 -6.22 31.64 -11.19
N VAL B 284 -6.36 30.37 -10.85
CA VAL B 284 -5.76 29.28 -11.61
C VAL B 284 -6.83 28.20 -11.80
N ASN B 285 -6.92 27.68 -13.03
CA ASN B 285 -7.84 26.59 -13.34
C ASN B 285 -7.37 25.26 -12.78
N ALA B 286 -8.32 24.40 -12.41
CA ALA B 286 -8.02 23.03 -12.05
C ALA B 286 -7.86 22.21 -13.34
N ILE B 287 -6.98 21.22 -13.30
CA ILE B 287 -6.77 20.34 -14.44
C ILE B 287 -7.98 19.41 -14.61
N ARG B 288 -8.34 19.11 -15.86
CA ARG B 288 -9.47 18.22 -16.11
C ARG B 288 -9.12 16.75 -15.85
N ILE B 289 -9.76 16.20 -14.81
CA ILE B 289 -9.49 14.85 -14.33
C ILE B 289 -10.15 13.82 -15.24
N ARG B 290 -9.50 12.66 -15.40
CA ARG B 290 -10.14 11.49 -16.01
C ARG B 290 -11.27 11.05 -15.09
N GLU B 291 -10.90 10.56 -13.91
CA GLU B 291 -11.83 10.15 -12.87
C GLU B 291 -11.13 10.29 -11.52
N VAL B 292 -11.82 10.86 -10.54
CA VAL B 292 -11.25 11.04 -9.21
C VAL B 292 -11.24 9.71 -8.46
N VAL B 293 -10.02 9.20 -8.24
CA VAL B 293 -9.82 7.90 -7.60
C VAL B 293 -9.85 8.03 -6.07
N ASP B 294 -9.09 8.98 -5.54
CA ASP B 294 -8.91 9.13 -4.10
C ASP B 294 -8.29 10.51 -3.85
N THR B 295 -9.03 11.38 -3.17
CA THR B 295 -8.60 12.77 -2.98
C THR B 295 -7.50 12.91 -1.93
N THR B 296 -7.13 11.82 -1.25
CA THR B 296 -6.10 11.90 -0.21
C THR B 296 -4.83 12.53 -0.76
N GLY B 297 -4.36 13.57 -0.09
CA GLY B 297 -3.12 14.24 -0.44
C GLY B 297 -3.22 15.43 -1.38
N ALA B 298 -4.44 15.74 -1.82
CA ALA B 298 -4.63 16.80 -2.84
C ALA B 298 -4.07 18.13 -2.35
N GLY B 299 -4.51 18.55 -1.16
CA GLY B 299 -4.02 19.80 -0.57
C GLY B 299 -2.53 19.76 -0.30
N ASP B 300 -2.03 18.61 0.15
CA ASP B 300 -0.61 18.45 0.44
C ASP B 300 0.26 18.67 -0.78
N LEU B 301 -0.18 18.13 -1.91
CA LEU B 301 0.55 18.21 -3.15
C LEU B 301 0.37 19.56 -3.85
N PHE B 302 -0.79 20.20 -3.66
CA PHE B 302 -0.93 21.60 -4.05
C PHE B 302 0.17 22.41 -3.38
N ALA B 303 0.36 22.18 -2.09
CA ALA B 303 1.44 22.88 -1.39
C ALA B 303 2.84 22.51 -1.90
N SER B 304 3.08 21.23 -2.24
CA SER B 304 4.34 20.84 -2.89
C SER B 304 4.62 21.68 -4.11
N GLY B 305 3.63 21.74 -5.00
CA GLY B 305 3.75 22.41 -6.29
C GLY B 305 3.96 23.91 -6.09
N PHE B 306 3.15 24.50 -5.21
CA PHE B 306 3.26 25.93 -4.93
C PHE B 306 4.63 26.30 -4.38
N LEU B 307 5.07 25.56 -3.35
CA LEU B 307 6.33 25.87 -2.68
C LEU B 307 7.56 25.56 -3.50
N TYR B 308 7.49 24.52 -4.34
CA TYR B 308 8.53 24.27 -5.32
C TYR B 308 8.64 25.49 -6.25
N GLY B 309 7.50 25.92 -6.79
CA GLY B 309 7.49 27.10 -7.67
C GLY B 309 8.04 28.32 -6.97
N TYR B 310 7.60 28.53 -5.74
CA TYR B 310 7.94 29.73 -4.96
C TYR B 310 9.45 29.82 -4.68
N THR B 311 10.05 28.68 -4.35
CA THR B 311 11.48 28.65 -4.04
C THR B 311 12.37 28.57 -5.30
N GLN B 312 11.75 28.44 -6.47
CA GLN B 312 12.46 28.53 -7.74
C GLN B 312 12.30 29.92 -8.34
N GLY B 313 11.66 30.82 -7.57
CA GLY B 313 11.51 32.22 -7.99
C GLY B 313 10.43 32.46 -9.03
N ARG B 314 9.47 31.54 -9.11
CA ARG B 314 8.41 31.60 -10.11
C ARG B 314 7.30 32.56 -9.71
N SER B 315 6.56 33.07 -10.69
CA SER B 315 5.44 33.97 -10.42
C SER B 315 4.37 33.28 -9.58
N LEU B 316 3.65 34.06 -8.77
CA LEU B 316 2.56 33.50 -7.96
C LEU B 316 1.57 32.66 -8.78
N GLU B 317 1.22 33.11 -9.98
CA GLU B 317 0.33 32.33 -10.86
C GLU B 317 0.94 30.97 -11.21
N ASP B 318 2.21 30.98 -11.59
CA ASP B 318 2.93 29.75 -11.93
C ASP B 318 3.08 28.79 -10.76
N CYS B 319 3.21 29.35 -9.55
CA CYS B 319 3.21 28.53 -8.34
C CYS B 319 1.87 27.82 -8.21
N GLY B 320 0.79 28.58 -8.38
CA GLY B 320 -0.56 28.00 -8.39
C GLY B 320 -0.73 26.94 -9.45
N LYS B 321 -0.22 27.21 -10.67
CA LYS B 321 -0.26 26.22 -11.74
C LYS B 321 0.45 24.91 -11.34
N LEU B 322 1.65 25.03 -10.78
CA LEU B 322 2.42 23.86 -10.34
C LEU B 322 1.68 23.11 -9.23
N GLY B 323 1.10 23.85 -8.30
CA GLY B 323 0.27 23.26 -7.26
C GLY B 323 -0.92 22.47 -7.80
N CYS B 324 -1.68 23.07 -8.72
CA CYS B 324 -2.83 22.40 -9.31
C CYS B 324 -2.42 21.16 -10.09
N LEU B 325 -1.26 21.22 -10.74
CA LEU B 325 -0.76 20.09 -11.51
C LEU B 325 -0.51 18.90 -10.59
N ALA B 326 0.25 19.15 -9.51
CA ALA B 326 0.58 18.13 -8.53
C ALA B 326 -0.65 17.53 -7.85
N ALA B 327 -1.59 18.39 -7.45
CA ALA B 327 -2.84 17.97 -6.83
C ALA B 327 -3.65 17.10 -7.80
N GLY B 328 -3.72 17.53 -9.05
CA GLY B 328 -4.47 16.80 -10.07
C GLY B 328 -3.92 15.40 -10.28
N ILE B 329 -2.61 15.25 -10.23
CA ILE B 329 -1.98 13.94 -10.41
C ILE B 329 -2.28 13.03 -9.21
N VAL B 330 -2.12 13.55 -8.01
CA VAL B 330 -2.25 12.69 -6.83
C VAL B 330 -3.67 12.12 -6.64
N ILE B 331 -4.69 12.87 -7.06
CA ILE B 331 -6.08 12.43 -6.86
C ILE B 331 -6.52 11.33 -7.85
N GLN B 332 -5.70 11.10 -8.87
CA GLN B 332 -5.94 10.03 -9.86
C GLN B 332 -5.27 8.69 -9.51
N GLN B 333 -4.73 8.58 -8.29
CA GLN B 333 -4.10 7.36 -7.81
C GLN B 333 -4.54 7.05 -6.38
N ILE B 334 -4.34 5.80 -5.96
CA ILE B 334 -4.52 5.43 -4.56
C ILE B 334 -3.24 5.81 -3.81
N GLY B 335 -3.39 6.40 -2.63
CA GLY B 335 -2.22 6.75 -1.81
C GLY B 335 -1.85 8.21 -1.96
N PRO B 336 -1.27 8.80 -0.89
CA PRO B 336 -1.14 10.24 -0.83
C PRO B 336 0.11 10.84 -1.47
N ARG B 337 1.03 10.00 -1.95
CA ARG B 337 2.27 10.49 -2.53
C ARG B 337 2.37 10.01 -3.97
N PRO B 338 2.48 10.95 -4.94
CA PRO B 338 2.53 10.53 -6.34
C PRO B 338 3.59 9.47 -6.61
N THR B 340 4.32 8.61 -9.66
CA THR B 340 4.88 8.99 -10.96
C THR B 340 5.74 10.25 -10.80
N SER B 341 6.55 10.57 -11.80
CA SER B 341 7.42 11.75 -11.76
C SER B 341 6.64 13.03 -12.00
N LEU B 342 6.63 13.89 -10.98
CA LEU B 342 6.05 15.22 -11.07
C LEU B 342 6.91 16.16 -11.89
N SER B 343 8.23 15.97 -11.85
CA SER B 343 9.14 16.80 -12.65
C SER B 343 8.89 16.60 -14.14
N GLU B 344 8.70 15.34 -14.53
CA GLU B 344 8.38 14.99 -15.91
C GLU B 344 7.03 15.57 -16.32
N ALA B 345 6.05 15.48 -15.42
CA ALA B 345 4.73 16.06 -15.70
C ALA B 345 4.83 17.58 -15.87
N ALA B 346 5.58 18.24 -14.99
CA ALA B 346 5.80 19.68 -15.04
C ALA B 346 6.52 20.11 -16.32
N LYS B 347 7.51 19.32 -16.75
CA LYS B 347 8.25 19.59 -17.99
C LYS B 347 7.33 19.51 -19.21
N GLN B 348 6.49 18.47 -19.24
CA GLN B 348 5.53 18.26 -20.33
C GLN B 348 4.51 19.39 -20.36
N ALA B 349 4.23 19.96 -19.18
CA ALA B 349 3.27 21.05 -19.02
C ALA B 349 3.86 22.43 -19.30
N GLY B 350 5.15 22.45 -19.64
CA GLY B 350 5.87 23.70 -19.90
C GLY B 350 6.14 24.52 -18.66
N LEU B 351 5.86 23.94 -17.49
CA LEU B 351 6.11 24.61 -16.21
C LEU B 351 7.55 24.37 -15.76
N ILE B 352 8.22 23.43 -16.43
CA ILE B 352 9.63 23.10 -16.24
C ILE B 352 9.99 22.78 -14.78
#